data_8DCN
#
_entry.id   8DCN
#
_cell.length_a   98.209
_cell.length_b   111.760
_cell.length_c   148.349
_cell.angle_alpha   90.000
_cell.angle_beta   90.000
_cell.angle_gamma   90.000
#
_symmetry.space_group_name_H-M   'P 21 2 21'
#
loop_
_entity.id
_entity.type
_entity.pdbx_description
1 polymer 'BINTOXB/9 Fab heavy chain'
2 polymer 'BINTOXB/9 Fab light chain'
3 polymer 'ADP-ribosylating binary toxin binding subunit CdtB'
4 water water
#
loop_
_entity_poly.entity_id
_entity_poly.type
_entity_poly.pdbx_seq_one_letter_code
_entity_poly.pdbx_strand_id
1 'polypeptide(L)'
;QVQLQQSGAELARPGASVKMSCKASGYTFTSYTMHWVKQRPGQGLEWIGYINPSNDYTSYNQKFKDKATLTADKSSSTAY
MQLSSLTSEDSAVYYCARCWGYDPYYFDYWGQGTTLTVSSASTTPPSVYPLAPGSAAQTNSMVTLGCLVKGYFPEPVTVT
WNSGSLSSGVHTFPAVLQSDLYTLSSSVTVPSSTWPSETVTCNVAHPASSTKVDKKIVPRDCGKGLEVLFQ
;
A,D
2 'polypeptide(L)'
;DIVMSQSPSLLAVSAGEKVTMSCKSSQSLLNSRTRKNYLAWYQQKPGQSPKVLIYWASTRESGVPDRFTGSGSGTDFTLT
ISSVQAEDLAVYYCKQSYNLLTFGAGTKLELKRADAAPTVSIFPPSSEQLTSGGASVVCFLNNFYPKDINVKWKIDGSER
QNGVLNSWTDQDSKDSTYSMSSTLTLTKDEYERHNSYTCEATHKTSTSPIVKSFNRNEC
;
B,E
3 'polypeptide(L)'
;MKIPTDQEIMDAHKIYFADLNFNPSTGNTYINGMYFAPTQTNKEALDYIQKYRVEATLQYSGFKDIGTKDKEMRNYLGDP
NQPKTNYVNLRSYFTGGENIMTYKKLRIYAITPDDRELLVLSVDHHHHHH
;
C,F
#
# COMPACT_ATOMS: atom_id res chain seq x y z
N GLN A 1 19.89 2.46 -0.52
CA GLN A 1 21.31 2.36 -0.81
C GLN A 1 21.57 1.17 -1.75
N VAL A 2 21.94 1.49 -2.99
CA VAL A 2 22.17 0.46 -4.00
C VAL A 2 23.53 -0.20 -3.76
N GLN A 3 23.54 -1.52 -3.72
CA GLN A 3 24.76 -2.28 -3.51
C GLN A 3 24.78 -3.49 -4.43
N LEU A 4 25.93 -3.74 -5.06
CA LEU A 4 26.15 -4.90 -5.91
C LEU A 4 27.25 -5.75 -5.27
N GLN A 5 26.88 -6.92 -4.77
CA GLN A 5 27.80 -7.79 -4.08
C GLN A 5 28.13 -8.99 -4.97
N GLN A 6 29.38 -9.11 -5.37
CA GLN A 6 29.84 -10.16 -6.25
C GLN A 6 30.41 -11.33 -5.47
N SER A 7 30.59 -12.45 -6.17
CA SER A 7 31.13 -13.66 -5.58
C SER A 7 32.61 -13.47 -5.24
N GLY A 8 33.12 -14.38 -4.42
CA GLY A 8 34.52 -14.33 -4.04
C GLY A 8 35.43 -14.78 -5.17
N ALA A 9 36.74 -14.62 -4.93
CA ALA A 9 37.74 -14.96 -5.93
C ALA A 9 37.63 -16.42 -6.32
N GLU A 10 37.98 -16.71 -7.57
CA GLU A 10 37.81 -18.03 -8.15
C GLU A 10 39.11 -18.51 -8.78
N LEU A 11 39.40 -19.79 -8.59
CA LEU A 11 40.47 -20.48 -9.31
C LEU A 11 39.85 -21.61 -10.10
N ALA A 12 40.39 -21.87 -11.29
CA ALA A 12 39.85 -22.90 -12.16
C ALA A 12 40.93 -23.44 -13.09
N ARG A 13 40.74 -24.68 -13.51
CA ARG A 13 41.63 -25.37 -14.44
C ARG A 13 41.22 -25.09 -15.88
N PRO A 14 42.15 -25.19 -16.82
CA PRO A 14 41.80 -24.94 -18.23
C PRO A 14 40.75 -25.92 -18.73
N GLY A 15 39.89 -25.42 -19.61
CA GLY A 15 38.81 -26.22 -20.15
C GLY A 15 37.64 -26.45 -19.22
N ALA A 16 37.67 -25.91 -18.01
CA ALA A 16 36.60 -26.07 -17.05
C ALA A 16 35.60 -24.92 -17.18
N SER A 17 34.66 -24.84 -16.24
CA SER A 17 33.64 -23.81 -16.27
C SER A 17 33.48 -23.20 -14.88
N VAL A 18 33.15 -21.93 -14.83
CA VAL A 18 32.88 -21.23 -13.58
C VAL A 18 31.61 -20.42 -13.73
N LYS A 19 30.94 -20.18 -12.61
CA LYS A 19 29.72 -19.38 -12.56
C LYS A 19 29.85 -18.38 -11.42
N MET A 20 29.89 -17.09 -11.77
CA MET A 20 29.94 -16.01 -10.80
C MET A 20 28.56 -15.42 -10.57
N SER A 21 28.40 -14.74 -9.45
CA SER A 21 27.12 -14.15 -9.07
C SER A 21 27.32 -12.68 -8.73
N CYS A 22 26.21 -11.93 -8.83
CA CYS A 22 26.21 -10.50 -8.49
C CYS A 22 24.92 -10.22 -7.73
N LYS A 23 25.01 -10.21 -6.40
CA LYS A 23 23.85 -9.98 -5.54
C LYS A 23 23.46 -8.51 -5.56
N ALA A 24 22.23 -8.21 -5.97
CA ALA A 24 21.75 -6.84 -6.05
C ALA A 24 20.81 -6.54 -4.88
N SER A 25 20.89 -5.31 -4.37
CA SER A 25 20.05 -4.91 -3.25
C SER A 25 19.90 -3.39 -3.28
N GLY A 26 18.78 -2.93 -2.73
CA GLY A 26 18.51 -1.50 -2.64
C GLY A 26 17.69 -0.92 -3.76
N TYR A 27 17.27 -1.73 -4.73
CA TYR A 27 16.50 -1.22 -5.85
C TYR A 27 15.68 -2.37 -6.44
N THR A 28 14.74 -2.01 -7.31
CA THR A 28 13.93 -3.00 -8.01
C THR A 28 14.80 -3.70 -9.05
N PHE A 29 15.08 -4.98 -8.83
CA PHE A 29 16.06 -5.69 -9.65
C PHE A 29 15.63 -5.79 -11.10
N THR A 30 14.32 -5.77 -11.37
CA THR A 30 13.80 -6.02 -12.71
C THR A 30 13.71 -4.75 -13.56
N SER A 31 14.01 -3.58 -13.01
CA SER A 31 13.85 -2.32 -13.72
C SER A 31 15.16 -1.77 -14.25
N TYR A 32 16.27 -2.49 -14.12
CA TYR A 32 17.56 -2.07 -14.62
C TYR A 32 18.28 -3.24 -15.26
N THR A 33 19.05 -2.96 -16.31
CA THR A 33 19.84 -3.98 -16.97
C THR A 33 21.16 -4.18 -16.25
N MET A 34 21.61 -5.43 -16.17
CA MET A 34 22.83 -5.80 -15.47
C MET A 34 23.90 -6.12 -16.50
N HIS A 35 25.02 -5.41 -16.45
CA HIS A 35 26.12 -5.58 -17.39
C HIS A 35 27.32 -6.21 -16.70
N TRP A 36 28.16 -6.85 -17.51
CA TRP A 36 29.39 -7.48 -17.03
C TRP A 36 30.57 -6.97 -17.84
N VAL A 37 31.67 -6.67 -17.14
CA VAL A 37 32.84 -6.05 -17.74
C VAL A 37 34.08 -6.84 -17.34
N LYS A 38 34.96 -7.10 -18.31
CA LYS A 38 36.20 -7.83 -18.08
C LYS A 38 37.37 -6.86 -18.06
N GLN A 39 38.35 -7.16 -17.20
CA GLN A 39 39.58 -6.36 -17.12
C GLN A 39 40.74 -7.31 -16.83
N ARG A 40 41.55 -7.57 -17.85
CA ARG A 40 42.74 -8.37 -17.65
C ARG A 40 43.78 -7.56 -16.86
N PRO A 41 44.66 -8.23 -16.12
CA PRO A 41 45.62 -7.51 -15.28
C PRO A 41 46.52 -6.59 -16.11
N GLY A 42 46.48 -5.30 -15.76
CA GLY A 42 47.27 -4.30 -16.45
C GLY A 42 46.62 -3.71 -17.69
N GLN A 43 45.48 -4.24 -18.12
CA GLN A 43 44.81 -3.79 -19.33
C GLN A 43 43.55 -3.01 -18.99
N GLY A 44 42.83 -2.60 -20.02
CA GLY A 44 41.66 -1.77 -19.88
C GLY A 44 40.37 -2.56 -19.73
N LEU A 45 39.27 -1.82 -19.72
CA LEU A 45 37.96 -2.42 -19.54
C LEU A 45 37.43 -2.95 -20.87
N GLU A 46 36.65 -4.03 -20.79
CA GLU A 46 36.09 -4.68 -21.97
C GLU A 46 34.69 -5.16 -21.64
N TRP A 47 33.70 -4.68 -22.41
CA TRP A 47 32.31 -5.03 -22.18
C TRP A 47 32.04 -6.45 -22.66
N ILE A 48 31.40 -7.24 -21.81
CA ILE A 48 31.04 -8.62 -22.14
C ILE A 48 29.62 -8.73 -22.67
N GLY A 49 28.67 -8.22 -21.91
CA GLY A 49 27.28 -8.31 -22.30
C GLY A 49 26.39 -7.84 -21.16
N TYR A 50 25.09 -7.83 -21.44
CA TYR A 50 24.12 -7.43 -20.43
C TYR A 50 22.91 -8.35 -20.48
N ILE A 51 22.18 -8.38 -19.37
CA ILE A 51 20.94 -9.13 -19.24
C ILE A 51 19.86 -8.18 -18.70
N ASN A 52 18.66 -8.27 -19.28
CA ASN A 52 17.52 -7.53 -18.77
C ASN A 52 16.75 -8.45 -17.84
N PRO A 53 16.85 -8.28 -16.52
CA PRO A 53 16.17 -9.21 -15.60
C PRO A 53 14.67 -9.25 -15.74
N SER A 54 14.05 -8.24 -16.35
CA SER A 54 12.59 -8.23 -16.47
C SER A 54 12.11 -9.30 -17.44
N ASN A 55 12.83 -9.48 -18.56
CA ASN A 55 12.42 -10.42 -19.59
C ASN A 55 13.53 -11.42 -19.95
N ASP A 56 14.63 -11.43 -19.21
CA ASP A 56 15.78 -12.30 -19.47
C ASP A 56 16.37 -12.11 -20.86
N TYR A 57 16.16 -10.94 -21.46
CA TYR A 57 16.78 -10.64 -22.75
C TYR A 57 18.27 -10.39 -22.55
N THR A 58 19.09 -10.93 -23.45
CA THR A 58 20.53 -10.82 -23.34
C THR A 58 21.11 -10.26 -24.64
N SER A 59 22.18 -9.49 -24.49
CA SER A 59 22.99 -8.99 -25.60
C SER A 59 24.44 -9.19 -25.23
N TYR A 60 25.23 -9.70 -26.18
CA TYR A 60 26.60 -10.09 -25.92
C TYR A 60 27.57 -9.38 -26.86
N ASN A 61 28.73 -9.03 -26.35
CA ASN A 61 29.89 -8.81 -27.21
C ASN A 61 30.21 -10.14 -27.90
N GLN A 62 30.31 -10.10 -29.22
CA GLN A 62 30.47 -11.33 -29.99
C GLN A 62 31.75 -12.08 -29.63
N LYS A 63 32.72 -11.41 -29.04
CA LYS A 63 33.91 -12.10 -28.53
C LYS A 63 33.56 -13.09 -27.43
N PHE A 64 32.49 -12.82 -26.67
CA PHE A 64 32.12 -13.63 -25.53
C PHE A 64 30.83 -14.41 -25.76
N LYS A 65 30.39 -14.53 -27.02
CA LYS A 65 29.12 -15.21 -27.28
C LYS A 65 29.19 -16.68 -26.89
N ASP A 66 30.30 -17.35 -27.22
CA ASP A 66 30.47 -18.75 -26.85
C ASP A 66 31.05 -18.91 -25.45
N LYS A 67 31.71 -17.88 -24.93
CA LYS A 67 32.40 -17.95 -23.65
C LYS A 67 31.48 -17.69 -22.46
N ALA A 68 30.65 -16.66 -22.54
CA ALA A 68 29.85 -16.21 -21.41
C ALA A 68 28.38 -16.55 -21.61
N THR A 69 27.70 -16.81 -20.49
CA THR A 69 26.26 -17.07 -20.46
C THR A 69 25.68 -16.31 -19.28
N LEU A 70 24.87 -15.30 -19.57
CA LEU A 70 24.29 -14.46 -18.53
C LEU A 70 22.90 -14.96 -18.15
N THR A 71 22.65 -15.07 -16.84
CA THR A 71 21.35 -15.43 -16.33
C THR A 71 20.99 -14.51 -15.17
N ALA A 72 19.72 -14.53 -14.78
CA ALA A 72 19.25 -13.68 -13.70
C ALA A 72 18.08 -14.36 -13.01
N ASP A 73 18.07 -14.29 -11.67
CA ASP A 73 17.03 -14.88 -10.85
C ASP A 73 16.27 -13.74 -10.17
N LYS A 74 15.00 -13.56 -10.53
CA LYS A 74 14.23 -12.45 -9.98
C LYS A 74 13.94 -12.67 -8.50
N SER A 75 13.69 -13.91 -8.10
CA SER A 75 13.29 -14.19 -6.73
C SER A 75 14.38 -13.80 -5.73
N SER A 76 15.65 -14.00 -6.11
CA SER A 76 16.77 -13.67 -5.25
C SER A 76 17.47 -12.37 -5.63
N SER A 77 17.07 -11.74 -6.75
CA SER A 77 17.70 -10.52 -7.24
C SER A 77 19.20 -10.72 -7.44
N THR A 78 19.56 -11.81 -8.12
CA THR A 78 20.95 -12.18 -8.35
C THR A 78 21.17 -12.36 -9.84
N ALA A 79 22.26 -11.79 -10.35
CA ALA A 79 22.68 -11.97 -11.73
C ALA A 79 23.89 -12.90 -11.78
N TYR A 80 23.89 -13.83 -12.73
CA TYR A 80 24.94 -14.82 -12.86
C TYR A 80 25.61 -14.71 -14.22
N MET A 81 26.90 -15.03 -14.26
CA MET A 81 27.65 -15.16 -15.50
C MET A 81 28.41 -16.47 -15.47
N GLN A 82 28.16 -17.32 -16.48
CA GLN A 82 28.85 -18.60 -16.61
C GLN A 82 29.90 -18.48 -17.70
N LEU A 83 31.15 -18.79 -17.37
CA LEU A 83 32.25 -18.81 -18.31
C LEU A 83 32.65 -20.26 -18.56
N SER A 84 32.74 -20.65 -19.83
CA SER A 84 32.99 -22.03 -20.22
C SER A 84 34.27 -22.12 -21.04
N SER A 85 34.88 -23.30 -21.03
CA SER A 85 36.11 -23.58 -21.78
C SER A 85 37.21 -22.59 -21.40
N LEU A 86 37.49 -22.53 -20.10
CA LEU A 86 38.38 -21.52 -19.56
C LEU A 86 39.81 -21.71 -20.07
N THR A 87 40.43 -20.61 -20.50
CA THR A 87 41.83 -20.56 -20.90
C THR A 87 42.55 -19.51 -20.07
N SER A 88 43.85 -19.37 -20.32
CA SER A 88 44.64 -18.34 -19.64
C SER A 88 44.17 -16.93 -19.99
N GLU A 89 43.55 -16.76 -21.16
CA GLU A 89 43.03 -15.45 -21.55
C GLU A 89 41.89 -14.99 -20.65
N ASP A 90 41.23 -15.92 -19.95
CA ASP A 90 40.08 -15.58 -19.11
C ASP A 90 40.49 -15.12 -17.72
N SER A 91 41.76 -15.28 -17.34
CA SER A 91 42.23 -14.83 -16.05
C SER A 91 42.16 -13.30 -16.00
N ALA A 92 41.19 -12.77 -15.26
CA ALA A 92 40.94 -11.34 -15.23
C ALA A 92 40.02 -11.04 -14.05
N VAL A 93 39.77 -9.75 -13.84
CA VAL A 93 38.76 -9.30 -12.89
C VAL A 93 37.49 -9.01 -13.67
N TYR A 94 36.36 -9.51 -13.18
CA TYR A 94 35.07 -9.34 -13.84
C TYR A 94 34.16 -8.51 -12.94
N TYR A 95 33.66 -7.40 -13.48
CA TYR A 95 32.76 -6.51 -12.75
C TYR A 95 31.33 -6.72 -13.23
N CYS A 96 30.39 -6.66 -12.29
CA CYS A 96 28.98 -6.50 -12.61
C CYS A 96 28.61 -5.05 -12.37
N ALA A 97 27.82 -4.47 -13.28
CA ALA A 97 27.50 -3.06 -13.20
C ALA A 97 26.04 -2.84 -13.58
N ARG A 98 25.33 -2.09 -12.74
CA ARG A 98 23.96 -1.70 -13.04
C ARG A 98 23.96 -0.53 -14.02
N CYS A 99 23.08 -0.60 -15.00
CA CYS A 99 23.02 0.40 -16.06
C CYS A 99 21.74 1.21 -15.95
N TRP A 100 21.87 2.53 -16.07
CA TRP A 100 20.73 3.43 -16.01
C TRP A 100 20.22 3.73 -17.42
N GLY A 101 18.92 3.72 -17.58
CA GLY A 101 18.30 4.07 -18.85
C GLY A 101 17.70 2.87 -19.54
N TYR A 102 16.51 3.07 -20.14
CA TYR A 102 15.92 2.04 -20.99
C TYR A 102 16.90 1.59 -22.06
N ASP A 103 17.41 2.55 -22.83
CA ASP A 103 18.62 2.31 -23.59
C ASP A 103 19.83 2.53 -22.68
N PRO A 104 20.90 1.74 -22.83
CA PRO A 104 22.06 1.90 -21.95
C PRO A 104 22.68 3.29 -22.10
N TYR A 105 22.69 4.04 -21.00
CA TYR A 105 23.25 5.39 -20.98
C TYR A 105 24.53 5.48 -20.16
N TYR A 106 24.55 4.93 -18.94
CA TYR A 106 25.77 4.91 -18.15
C TYR A 106 25.63 3.89 -17.02
N PHE A 107 26.77 3.47 -16.49
CA PHE A 107 26.82 2.57 -15.34
C PHE A 107 26.90 3.40 -14.07
N ASP A 108 25.86 3.34 -13.24
CA ASP A 108 25.82 4.15 -12.03
C ASP A 108 26.34 3.41 -10.81
N TYR A 109 26.27 2.08 -10.79
CA TYR A 109 26.73 1.31 -9.64
C TYR A 109 27.50 0.09 -10.13
N TRP A 110 28.63 -0.18 -9.50
CA TRP A 110 29.51 -1.27 -9.86
C TRP A 110 29.67 -2.24 -8.69
N GLY A 111 29.94 -3.50 -9.01
CA GLY A 111 30.37 -4.44 -8.00
C GLY A 111 31.84 -4.26 -7.68
N GLN A 112 32.27 -4.91 -6.60
CA GLN A 112 33.67 -4.80 -6.19
C GLN A 112 34.61 -5.62 -7.06
N GLY A 113 34.09 -6.53 -7.88
CA GLY A 113 34.91 -7.30 -8.78
C GLY A 113 35.16 -8.73 -8.31
N THR A 114 35.11 -9.68 -9.24
CA THR A 114 35.42 -11.07 -8.97
C THR A 114 36.68 -11.44 -9.75
N THR A 115 37.71 -11.87 -9.04
CA THR A 115 38.98 -12.23 -9.66
C THR A 115 38.97 -13.68 -10.10
N LEU A 116 39.25 -13.91 -11.37
CA LEU A 116 39.36 -15.25 -11.93
C LEU A 116 40.81 -15.52 -12.31
N THR A 117 41.32 -16.68 -11.89
CA THR A 117 42.65 -17.14 -12.29
C THR A 117 42.52 -18.53 -12.85
N VAL A 118 42.98 -18.72 -14.09
CA VAL A 118 42.94 -20.02 -14.76
C VAL A 118 44.35 -20.57 -14.80
N SER A 119 44.53 -21.74 -14.18
CA SER A 119 45.84 -22.36 -14.11
C SER A 119 45.66 -23.84 -13.82
N SER A 120 46.50 -24.67 -14.42
CA SER A 120 46.54 -26.09 -14.13
C SER A 120 47.24 -26.39 -12.81
N ALA A 121 47.78 -25.38 -12.15
CA ALA A 121 48.53 -25.57 -10.91
C ALA A 121 47.60 -25.53 -9.70
N SER A 122 47.95 -26.30 -8.68
CA SER A 122 47.31 -26.26 -7.39
C SER A 122 48.17 -25.42 -6.45
N THR A 123 47.79 -25.38 -5.16
CA THR A 123 48.52 -24.56 -4.21
C THR A 123 49.97 -25.02 -4.10
N THR A 124 50.89 -24.10 -4.41
CA THR A 124 52.31 -24.41 -4.43
C THR A 124 53.06 -23.36 -3.59
N PRO A 125 53.85 -23.78 -2.62
CA PRO A 125 54.62 -22.82 -1.82
C PRO A 125 55.76 -22.24 -2.63
N PRO A 126 56.27 -21.07 -2.26
CA PRO A 126 57.31 -20.42 -3.06
C PRO A 126 58.71 -20.91 -2.73
N SER A 127 59.59 -20.74 -3.72
CA SER A 127 61.03 -20.87 -3.51
C SER A 127 61.63 -19.48 -3.40
N VAL A 128 62.44 -19.26 -2.38
CA VAL A 128 63.00 -17.95 -2.07
C VAL A 128 64.50 -17.99 -2.31
N TYR A 129 64.97 -17.20 -3.28
CA TYR A 129 66.36 -17.19 -3.67
C TYR A 129 67.00 -15.86 -3.29
N PRO A 130 68.16 -15.88 -2.63
CA PRO A 130 68.85 -14.63 -2.33
C PRO A 130 69.50 -14.02 -3.55
N LEU A 131 69.56 -12.69 -3.56
CA LEU A 131 70.21 -11.94 -4.63
C LEU A 131 71.29 -11.07 -3.99
N ALA A 132 72.52 -11.58 -3.98
CA ALA A 132 73.68 -10.85 -3.50
C ALA A 132 74.53 -10.37 -4.66
N PRO A 133 75.17 -9.19 -4.56
CA PRO A 133 75.97 -8.66 -5.67
C PRO A 133 77.21 -9.49 -5.97
N ASN A 140 80.65 1.35 -3.51
CA ASN A 140 79.77 2.51 -3.43
C ASN A 140 79.20 2.67 -2.02
N SER A 141 78.71 3.87 -1.71
CA SER A 141 78.16 4.12 -0.39
C SER A 141 76.88 3.31 -0.14
N MET A 142 76.16 2.96 -1.20
CA MET A 142 74.95 2.16 -1.08
C MET A 142 75.12 0.86 -1.86
N VAL A 143 74.48 -0.19 -1.36
CA VAL A 143 74.46 -1.50 -2.01
C VAL A 143 73.02 -1.98 -2.07
N THR A 144 72.64 -2.55 -3.21
CA THR A 144 71.30 -3.06 -3.42
C THR A 144 71.30 -4.57 -3.28
N LEU A 145 70.51 -5.09 -2.36
CA LEU A 145 70.29 -6.52 -2.21
C LEU A 145 68.91 -6.87 -2.78
N GLY A 146 68.69 -8.18 -2.95
CA GLY A 146 67.48 -8.62 -3.59
C GLY A 146 66.95 -9.92 -3.04
N CYS A 147 65.76 -10.27 -3.50
CA CYS A 147 65.06 -11.49 -3.08
C CYS A 147 64.17 -11.93 -4.23
N LEU A 148 64.34 -13.18 -4.67
CA LEU A 148 63.57 -13.72 -5.78
C LEU A 148 62.61 -14.78 -5.25
N VAL A 149 61.32 -14.49 -5.34
CA VAL A 149 60.27 -15.40 -4.91
C VAL A 149 59.68 -16.03 -6.17
N LYS A 150 59.89 -17.33 -6.34
CA LYS A 150 59.65 -17.98 -7.62
C LYS A 150 58.86 -19.28 -7.46
N GLY A 151 57.94 -19.52 -8.38
CA GLY A 151 57.27 -20.81 -8.48
C GLY A 151 56.15 -21.07 -7.50
N TYR A 152 55.40 -20.05 -7.11
CA TYR A 152 54.32 -20.22 -6.15
C TYR A 152 52.96 -20.03 -6.82
N PHE A 153 51.93 -20.56 -6.15
CA PHE A 153 50.55 -20.41 -6.60
C PHE A 153 49.64 -20.70 -5.43
N PRO A 154 48.57 -19.92 -5.25
CA PRO A 154 48.18 -18.73 -6.02
C PRO A 154 48.70 -17.46 -5.38
N GLU A 155 48.30 -16.30 -5.92
CA GLU A 155 48.60 -15.05 -5.27
C GLU A 155 47.80 -14.94 -3.97
N PRO A 156 48.27 -14.15 -3.00
CA PRO A 156 49.49 -13.33 -3.02
C PRO A 156 50.60 -13.86 -2.12
N VAL A 157 51.81 -13.34 -2.28
CA VAL A 157 52.85 -13.43 -1.28
C VAL A 157 53.24 -12.01 -0.89
N THR A 158 53.64 -11.84 0.37
CA THR A 158 54.10 -10.56 0.88
C THR A 158 55.56 -10.67 1.26
N VAL A 159 56.31 -9.58 1.05
CA VAL A 159 57.74 -9.54 1.31
C VAL A 159 58.02 -8.36 2.22
N THR A 160 58.68 -8.62 3.34
CA THR A 160 59.23 -7.59 4.21
C THR A 160 60.72 -7.83 4.35
N TRP A 161 61.42 -6.82 4.88
CA TRP A 161 62.87 -6.88 5.05
C TRP A 161 63.20 -6.60 6.50
N ASN A 162 63.90 -7.55 7.14
CA ASN A 162 64.27 -7.45 8.55
C ASN A 162 63.04 -7.23 9.43
N SER A 163 61.95 -7.93 9.11
CA SER A 163 60.71 -7.89 9.88
C SER A 163 60.15 -6.47 9.97
N GLY A 164 60.25 -5.72 8.87
CA GLY A 164 59.75 -4.37 8.82
C GLY A 164 60.72 -3.31 9.26
N SER A 165 61.85 -3.68 9.84
CA SER A 165 62.87 -2.70 10.23
C SER A 165 63.44 -1.99 9.01
N LEU A 166 63.41 -2.62 7.84
CA LEU A 166 63.80 -2.00 6.58
C LEU A 166 62.54 -1.71 5.78
N SER A 167 62.15 -0.45 5.72
CA SER A 167 60.98 -0.04 4.96
C SER A 167 61.32 0.92 3.82
N SER A 168 62.17 1.91 4.07
CA SER A 168 62.61 2.79 2.99
C SER A 168 63.63 2.09 2.12
N GLY A 169 63.68 2.50 0.85
CA GLY A 169 64.57 1.87 -0.10
C GLY A 169 64.20 0.45 -0.48
N VAL A 170 62.91 0.13 -0.44
CA VAL A 170 62.40 -1.19 -0.78
C VAL A 170 61.51 -1.07 -2.00
N HIS A 171 61.76 -1.90 -3.00
CA HIS A 171 60.89 -2.02 -4.17
C HIS A 171 60.49 -3.49 -4.31
N THR A 172 59.21 -3.77 -4.10
CA THR A 172 58.65 -5.10 -4.34
C THR A 172 57.85 -5.06 -5.63
N PHE A 173 58.17 -5.96 -6.54
CA PHE A 173 57.61 -5.84 -7.88
C PHE A 173 56.41 -6.78 -8.05
N PRO A 174 55.45 -6.38 -8.89
CA PRO A 174 54.28 -7.23 -9.12
C PRO A 174 54.68 -8.59 -9.69
N ALA A 175 53.93 -9.61 -9.27
CA ALA A 175 54.24 -10.97 -9.70
C ALA A 175 53.83 -11.18 -11.15
N VAL A 176 54.58 -12.05 -11.83
CA VAL A 176 54.28 -12.45 -13.21
C VAL A 176 53.92 -13.92 -13.23
N LEU A 177 52.90 -14.26 -14.01
CA LEU A 177 52.42 -15.63 -14.13
C LEU A 177 53.01 -16.24 -15.40
N GLN A 178 53.95 -17.17 -15.23
CA GLN A 178 54.58 -17.84 -16.35
C GLN A 178 54.73 -19.32 -16.02
N SER A 179 54.39 -20.17 -16.99
CA SER A 179 54.37 -21.62 -16.80
C SER A 179 53.46 -22.01 -15.64
N ASP A 180 52.31 -21.34 -15.56
CA ASP A 180 51.25 -21.60 -14.58
C ASP A 180 51.65 -21.32 -13.15
N LEU A 181 52.80 -20.67 -12.92
CA LEU A 181 53.25 -20.35 -11.57
C LEU A 181 53.70 -18.90 -11.51
N TYR A 182 53.64 -18.32 -10.32
CA TYR A 182 53.95 -16.92 -10.12
C TYR A 182 55.41 -16.72 -9.70
N THR A 183 55.96 -15.58 -10.09
CA THR A 183 57.31 -15.18 -9.72
C THR A 183 57.32 -13.68 -9.47
N LEU A 184 57.89 -13.26 -8.35
CA LEU A 184 58.11 -11.85 -8.08
C LEU A 184 59.48 -11.67 -7.44
N SER A 185 59.94 -10.42 -7.47
CA SER A 185 61.23 -10.04 -6.91
C SER A 185 61.06 -8.82 -6.03
N SER A 186 62.00 -8.66 -5.10
CA SER A 186 62.00 -7.52 -4.19
C SER A 186 63.44 -7.07 -4.00
N SER A 187 63.66 -5.76 -4.09
CA SER A 187 64.99 -5.18 -3.90
C SER A 187 64.98 -4.27 -2.68
N VAL A 188 66.12 -4.22 -1.99
CA VAL A 188 66.32 -3.33 -0.87
C VAL A 188 67.71 -2.70 -0.99
N THR A 189 67.80 -1.42 -0.68
CA THR A 189 69.05 -0.67 -0.78
C THR A 189 69.45 -0.17 0.60
N VAL A 190 70.65 -0.55 1.04
CA VAL A 190 71.14 -0.19 2.37
C VAL A 190 72.53 0.43 2.20
N PRO A 191 72.98 1.19 3.20
CA PRO A 191 74.35 1.70 3.15
C PRO A 191 75.36 0.56 3.18
N SER A 192 76.46 0.73 2.45
CA SER A 192 77.49 -0.31 2.40
C SER A 192 78.15 -0.53 3.75
N SER A 193 78.05 0.43 4.66
CA SER A 193 78.57 0.24 6.01
C SER A 193 77.70 -0.71 6.83
N THR A 194 76.46 -0.94 6.40
CA THR A 194 75.56 -1.83 7.13
C THR A 194 75.62 -3.27 6.63
N TRP A 195 75.89 -3.49 5.35
CA TRP A 195 75.97 -4.84 4.81
C TRP A 195 77.32 -5.06 4.15
N PRO A 196 77.96 -6.22 4.34
CA PRO A 196 77.48 -7.39 5.10
C PRO A 196 77.82 -7.32 6.60
N SER A 197 78.13 -6.15 7.15
CA SER A 197 78.48 -6.07 8.57
C SER A 197 77.28 -6.42 9.45
N GLU A 198 76.07 -5.99 9.05
CA GLU A 198 74.84 -6.34 9.74
C GLU A 198 73.98 -7.21 8.83
N THR A 199 73.16 -8.06 9.45
CA THR A 199 72.38 -9.04 8.71
C THR A 199 71.17 -8.39 8.04
N VAL A 200 70.94 -8.76 6.79
CA VAL A 200 69.75 -8.34 6.04
C VAL A 200 69.00 -9.60 5.64
N THR A 201 67.74 -9.71 6.08
CA THR A 201 66.96 -10.93 5.92
C THR A 201 65.67 -10.64 5.17
N CYS A 202 65.33 -11.53 4.24
CA CYS A 202 64.12 -11.44 3.44
C CYS A 202 63.04 -12.31 4.05
N ASN A 203 61.88 -11.72 4.32
CA ASN A 203 60.75 -12.41 4.94
C ASN A 203 59.64 -12.56 3.92
N VAL A 204 59.34 -13.79 3.54
CA VAL A 204 58.32 -14.11 2.54
C VAL A 204 57.22 -14.89 3.20
N ALA A 205 55.97 -14.46 2.99
CA ALA A 205 54.80 -15.15 3.51
C ALA A 205 53.90 -15.56 2.35
N HIS A 206 53.38 -16.78 2.42
CA HIS A 206 52.43 -17.31 1.44
C HIS A 206 51.28 -17.94 2.21
N PRO A 207 50.27 -17.16 2.59
CA PRO A 207 49.19 -17.69 3.42
C PRO A 207 48.38 -18.79 2.75
N ALA A 208 48.33 -18.82 1.41
CA ALA A 208 47.59 -19.87 0.72
C ALA A 208 48.15 -21.24 1.04
N SER A 209 49.46 -21.36 1.25
CA SER A 209 50.09 -22.62 1.63
C SER A 209 50.53 -22.62 3.09
N SER A 210 50.17 -21.59 3.85
CA SER A 210 50.54 -21.47 5.26
C SER A 210 52.06 -21.61 5.44
N THR A 211 52.81 -20.78 4.72
CA THR A 211 54.25 -20.86 4.67
C THR A 211 54.85 -19.50 4.96
N LYS A 212 55.85 -19.47 5.84
CA LYS A 212 56.66 -18.29 6.10
C LYS A 212 58.12 -18.68 5.94
N VAL A 213 58.85 -17.94 5.11
CA VAL A 213 60.26 -18.23 4.84
C VAL A 213 61.09 -17.01 5.19
N ASP A 214 62.19 -17.23 5.90
CA ASP A 214 63.17 -16.19 6.21
C ASP A 214 64.48 -16.56 5.54
N LYS A 215 64.97 -15.66 4.68
CA LYS A 215 66.15 -15.91 3.86
C LYS A 215 67.18 -14.82 4.13
N LYS A 216 68.29 -15.21 4.77
CA LYS A 216 69.36 -14.26 5.03
C LYS A 216 70.19 -14.05 3.77
N ILE A 217 70.40 -12.79 3.41
CA ILE A 217 71.21 -12.44 2.25
C ILE A 217 72.67 -12.52 2.68
N VAL A 218 73.37 -13.56 2.23
CA VAL A 218 74.76 -13.78 2.60
C VAL A 218 75.65 -13.28 1.47
N PRO A 219 76.76 -12.61 1.77
CA PRO A 219 77.67 -12.18 0.69
C PRO A 219 78.18 -13.36 -0.12
N ARG A 220 78.22 -13.17 -1.43
CA ARG A 220 78.56 -14.25 -2.36
C ARG A 220 80.02 -14.69 -2.24
N ASP B 1 31.60 -3.25 -35.20
CA ASP B 1 32.18 -2.69 -33.99
C ASP B 1 32.51 -1.21 -34.16
N ILE B 2 32.10 -0.40 -33.19
CA ILE B 2 32.48 0.99 -33.12
C ILE B 2 33.80 1.09 -32.37
N VAL B 3 34.81 1.71 -32.99
CA VAL B 3 36.17 1.74 -32.46
C VAL B 3 36.35 3.03 -31.67
N MET B 4 36.92 2.90 -30.48
CA MET B 4 37.15 4.01 -29.57
C MET B 4 38.65 4.30 -29.50
N SER B 5 39.04 5.50 -29.90
CA SER B 5 40.44 5.93 -29.89
C SER B 5 40.61 7.05 -28.87
N GLN B 6 41.43 6.81 -27.86
CA GLN B 6 41.73 7.79 -26.83
C GLN B 6 43.17 8.24 -26.96
N SER B 7 43.40 9.54 -26.76
CA SER B 7 44.75 10.09 -26.83
C SER B 7 44.87 11.23 -25.83
N PRO B 8 46.02 11.36 -25.17
CA PRO B 8 47.21 10.50 -25.25
C PRO B 8 47.05 9.25 -24.41
N SER B 9 47.91 8.24 -24.58
CA SER B 9 47.82 7.05 -23.74
C SER B 9 48.30 7.36 -22.33
N LEU B 10 49.30 8.23 -22.20
CA LEU B 10 49.85 8.64 -20.91
C LEU B 10 50.05 10.14 -20.93
N LEU B 11 49.74 10.79 -19.80
CA LEU B 11 49.77 12.24 -19.72
C LEU B 11 50.40 12.65 -18.40
N ALA B 12 51.58 13.26 -18.45
CA ALA B 12 52.27 13.75 -17.27
C ALA B 12 51.77 15.16 -16.96
N VAL B 13 51.23 15.34 -15.75
CA VAL B 13 50.59 16.58 -15.37
C VAL B 13 51.19 17.09 -14.06
N SER B 14 51.02 18.39 -13.83
CA SER B 14 51.38 19.02 -12.57
C SER B 14 50.13 19.50 -11.86
N ALA B 15 50.20 19.56 -10.52
CA ALA B 15 49.05 19.93 -9.73
C ALA B 15 48.59 21.35 -10.07
N GLY B 16 47.28 21.49 -10.30
CA GLY B 16 46.69 22.77 -10.65
C GLY B 16 46.61 23.07 -12.13
N GLU B 17 47.12 22.17 -12.98
CA GLU B 17 47.11 22.40 -14.41
C GLU B 17 45.74 22.13 -15.02
N LYS B 18 45.50 22.73 -16.18
CA LYS B 18 44.35 22.36 -16.99
C LYS B 18 44.73 21.17 -17.85
N VAL B 19 43.92 20.11 -17.78
CA VAL B 19 44.24 18.85 -18.43
C VAL B 19 43.07 18.45 -19.32
N THR B 20 43.38 18.13 -20.58
CA THR B 20 42.38 17.74 -21.56
C THR B 20 42.80 16.44 -22.25
N MET B 21 41.85 15.53 -22.40
CA MET B 21 42.08 14.27 -23.08
C MET B 21 40.92 14.00 -24.02
N SER B 22 41.20 13.32 -25.12
CA SER B 22 40.24 13.17 -26.21
C SER B 22 39.84 11.72 -26.41
N CYS B 23 38.64 11.55 -26.97
CA CYS B 23 38.12 10.24 -27.35
C CYS B 23 37.43 10.40 -28.69
N LYS B 24 37.83 9.59 -29.68
CA LYS B 24 37.28 9.67 -31.02
C LYS B 24 36.66 8.33 -31.40
N SER B 25 35.54 8.39 -32.13
CA SER B 25 34.79 7.21 -32.51
C SER B 25 34.86 6.99 -34.01
N SER B 26 34.72 5.72 -34.41
CA SER B 26 34.72 5.38 -35.83
C SER B 26 33.43 5.78 -36.52
N GLN B 27 32.35 5.97 -35.77
CA GLN B 27 31.07 6.39 -36.33
C GLN B 27 30.39 7.33 -35.33
N SER B 28 29.43 8.10 -35.84
CA SER B 28 28.76 9.10 -35.02
C SER B 28 27.96 8.42 -33.91
N LEU B 29 28.11 8.94 -32.69
CA LEU B 29 27.36 8.46 -31.52
C LEU B 29 26.13 9.31 -31.23
N LEU B 30 25.80 10.25 -32.12
CA LEU B 30 24.65 11.12 -31.92
C LEU B 30 23.38 10.43 -32.38
N ASN B 31 22.41 10.30 -31.48
CA ASN B 31 21.09 9.76 -31.82
C ASN B 31 20.19 10.90 -32.26
N SER B 32 19.69 10.82 -33.51
CA SER B 32 18.91 11.91 -34.07
C SER B 32 17.54 12.07 -33.40
N ARG B 33 17.01 11.01 -32.80
CA ARG B 33 15.66 11.09 -32.24
C ARG B 33 15.66 11.88 -30.93
N THR B 34 16.70 11.74 -30.12
CA THR B 34 16.80 12.46 -28.86
C THR B 34 17.88 13.53 -28.86
N ARG B 35 18.72 13.58 -29.90
CA ARG B 35 19.80 14.57 -30.01
C ARG B 35 20.75 14.48 -28.82
N LYS B 36 21.03 13.25 -28.39
CA LYS B 36 21.98 12.98 -27.33
C LYS B 36 23.13 12.14 -27.88
N ASN B 37 24.34 12.42 -27.41
CA ASN B 37 25.51 11.63 -27.76
C ASN B 37 25.68 10.53 -26.72
N TYR B 38 25.59 9.27 -27.15
CA TYR B 38 25.67 8.13 -26.24
C TYR B 38 27.13 7.81 -25.95
N LEU B 39 27.77 8.72 -25.22
CA LEU B 39 29.16 8.56 -24.80
C LEU B 39 29.30 8.96 -23.34
N ALA B 40 30.06 8.17 -22.59
CA ALA B 40 30.26 8.39 -21.17
C ALA B 40 31.75 8.33 -20.84
N TRP B 41 32.11 8.94 -19.71
CA TRP B 41 33.48 8.94 -19.21
C TRP B 41 33.52 8.29 -17.84
N TYR B 42 34.52 7.45 -17.61
CA TYR B 42 34.67 6.73 -16.35
C TYR B 42 36.09 6.90 -15.81
N GLN B 43 36.19 6.99 -14.49
CA GLN B 43 37.46 7.10 -13.79
C GLN B 43 37.71 5.84 -12.99
N GLN B 44 38.94 5.32 -13.07
CA GLN B 44 39.33 4.12 -12.32
C GLN B 44 40.66 4.37 -11.65
N LYS B 45 40.66 4.40 -10.32
CA LYS B 45 41.86 4.45 -9.49
C LYS B 45 42.34 3.03 -9.20
N PRO B 46 43.65 2.85 -8.96
CA PRO B 46 44.18 1.48 -8.80
C PRO B 46 43.51 0.74 -7.65
N GLY B 47 43.07 -0.49 -7.94
CA GLY B 47 42.43 -1.31 -6.94
C GLY B 47 41.00 -0.96 -6.63
N GLN B 48 40.35 -0.17 -7.48
CA GLN B 48 38.97 0.25 -7.26
C GLN B 48 38.15 0.00 -8.52
N SER B 49 36.84 -0.14 -8.33
CA SER B 49 35.92 -0.24 -9.45
C SER B 49 35.84 1.10 -10.17
N PRO B 50 35.54 1.08 -11.48
CA PRO B 50 35.36 2.35 -12.20
C PRO B 50 34.16 3.12 -11.68
N LYS B 51 34.26 4.44 -11.74
CA LYS B 51 33.19 5.34 -11.35
C LYS B 51 32.87 6.27 -12.50
N VAL B 52 31.58 6.48 -12.75
CA VAL B 52 31.16 7.34 -13.85
C VAL B 52 31.43 8.79 -13.51
N LEU B 53 31.86 9.56 -14.51
CA LEU B 53 32.08 10.99 -14.39
C LEU B 53 31.10 11.79 -15.25
N ILE B 54 31.06 11.50 -16.54
CA ILE B 54 30.17 12.19 -17.48
C ILE B 54 29.37 11.15 -18.24
N TYR B 55 28.13 11.49 -18.55
CA TYR B 55 27.32 10.73 -19.49
C TYR B 55 26.61 11.71 -20.41
N TRP B 56 26.06 11.18 -21.50
CA TRP B 56 25.49 11.99 -22.58
C TRP B 56 26.50 13.05 -23.05
N ALA B 57 27.77 12.65 -23.08
CA ALA B 57 28.89 13.46 -23.56
C ALA B 57 29.19 14.65 -22.66
N SER B 58 28.17 15.28 -22.06
CA SER B 58 28.42 16.51 -21.33
C SER B 58 27.58 16.66 -20.06
N THR B 59 26.92 15.61 -19.58
CA THR B 59 26.13 15.69 -18.36
C THR B 59 26.96 15.12 -17.21
N ARG B 60 27.29 15.99 -16.25
CA ARG B 60 28.07 15.58 -15.10
C ARG B 60 27.19 14.83 -14.11
N GLU B 61 27.69 13.70 -13.61
CA GLU B 61 26.94 12.90 -12.66
C GLU B 61 26.92 13.57 -11.29
N SER B 62 25.80 13.40 -10.58
CA SER B 62 25.66 13.95 -9.24
C SER B 62 26.76 13.44 -8.33
N GLY B 63 27.47 14.36 -7.68
CA GLY B 63 28.56 14.04 -6.80
C GLY B 63 29.94 14.16 -7.43
N VAL B 64 30.02 14.38 -8.72
CA VAL B 64 31.32 14.56 -9.39
C VAL B 64 31.73 16.03 -9.25
N PRO B 65 32.99 16.30 -8.90
CA PRO B 65 33.41 17.70 -8.75
C PRO B 65 33.23 18.50 -10.03
N ASP B 66 33.05 19.81 -9.87
CA ASP B 66 32.80 20.71 -10.98
C ASP B 66 34.01 20.88 -11.89
N ARG B 67 35.18 20.39 -11.46
CA ARG B 67 36.43 20.54 -12.27
C ARG B 67 36.38 19.61 -13.48
N PHE B 68 35.55 18.56 -13.43
CA PHE B 68 35.42 17.63 -14.55
C PHE B 68 34.35 18.13 -15.51
N THR B 69 34.69 18.18 -16.79
CA THR B 69 33.75 18.66 -17.81
C THR B 69 33.97 17.88 -19.09
N GLY B 70 32.88 17.34 -19.64
CA GLY B 70 32.91 16.63 -20.91
C GLY B 70 32.30 17.47 -22.01
N SER B 71 32.84 17.33 -23.22
CA SER B 71 32.36 18.08 -24.36
C SER B 71 32.54 17.25 -25.62
N GLY B 72 31.94 17.72 -26.71
CA GLY B 72 32.01 17.07 -28.00
C GLY B 72 30.66 16.56 -28.46
N SER B 73 30.63 16.23 -29.76
CA SER B 73 29.41 15.71 -30.37
C SER B 73 29.79 14.96 -31.63
N GLY B 74 29.04 13.91 -31.94
CA GLY B 74 29.29 13.12 -33.14
C GLY B 74 30.38 12.09 -32.97
N THR B 75 31.61 12.44 -33.38
CA THR B 75 32.73 11.52 -33.33
C THR B 75 33.91 12.00 -32.51
N ASP B 76 33.98 13.29 -32.18
CA ASP B 76 35.09 13.84 -31.41
C ASP B 76 34.57 14.27 -30.04
N PHE B 77 35.21 13.76 -28.98
CA PHE B 77 34.78 14.05 -27.62
C PHE B 77 36.00 14.39 -26.77
N THR B 78 35.74 15.07 -25.65
CA THR B 78 36.81 15.60 -24.82
C THR B 78 36.38 15.55 -23.35
N LEU B 79 37.30 15.13 -22.49
CA LEU B 79 37.15 15.25 -21.05
C LEU B 79 38.18 16.26 -20.54
N THR B 80 37.73 17.24 -19.78
CA THR B 80 38.59 18.33 -19.31
C THR B 80 38.58 18.37 -17.79
N ILE B 81 39.76 18.49 -17.19
CA ILE B 81 39.90 18.76 -15.77
C ILE B 81 40.50 20.15 -15.63
N SER B 82 39.70 21.10 -15.15
CA SER B 82 40.11 22.50 -15.15
C SER B 82 41.31 22.73 -14.24
N SER B 83 41.42 21.92 -13.17
CA SER B 83 42.58 22.03 -12.26
C SER B 83 42.92 20.62 -11.74
N VAL B 84 43.78 19.91 -12.46
CA VAL B 84 44.09 18.49 -12.08
C VAL B 84 44.55 18.46 -10.62
N GLN B 85 44.09 17.46 -9.86
CA GLN B 85 44.46 17.33 -8.43
C GLN B 85 45.15 15.98 -8.22
N ALA B 86 45.79 15.78 -7.06
CA ALA B 86 46.48 14.51 -6.78
C ALA B 86 45.48 13.35 -6.84
N GLU B 87 44.25 13.58 -6.35
CA GLU B 87 43.21 12.52 -6.36
C GLU B 87 42.73 12.28 -7.80
N ASP B 88 43.10 13.18 -8.72
CA ASP B 88 42.66 13.05 -10.14
C ASP B 88 43.62 12.11 -10.89
N LEU B 89 44.68 11.67 -10.22
CA LEU B 89 45.65 10.72 -10.86
C LEU B 89 44.99 9.35 -10.99
N ALA B 90 44.64 8.95 -12.21
CA ALA B 90 43.97 7.67 -12.46
C ALA B 90 43.98 7.39 -13.95
N VAL B 91 43.22 6.38 -14.36
CA VAL B 91 43.00 6.06 -15.77
C VAL B 91 41.57 6.45 -16.12
N TYR B 92 41.39 7.10 -17.26
CA TYR B 92 40.10 7.64 -17.66
C TYR B 92 39.66 6.96 -18.96
N TYR B 93 38.55 6.25 -18.91
CA TYR B 93 38.01 5.51 -20.04
C TYR B 93 36.79 6.22 -20.59
N CYS B 94 36.74 6.38 -21.91
CA CYS B 94 35.52 6.79 -22.59
C CYS B 94 34.77 5.53 -23.03
N LYS B 95 33.44 5.63 -23.08
CA LYS B 95 32.61 4.49 -23.41
C LYS B 95 31.42 4.94 -24.25
N GLN B 96 31.13 4.19 -25.30
CA GLN B 96 29.98 4.44 -26.15
C GLN B 96 28.87 3.44 -25.87
N SER B 97 27.63 3.87 -26.12
CA SER B 97 26.49 2.97 -26.03
C SER B 97 25.51 3.23 -27.18
N TYR B 98 25.96 3.83 -28.27
CA TYR B 98 25.10 4.08 -29.41
C TYR B 98 24.66 2.76 -30.06
N ASN B 99 25.63 1.91 -30.38
CA ASN B 99 25.36 0.56 -30.90
C ASN B 99 26.23 -0.40 -30.10
N LEU B 100 25.59 -1.26 -29.30
CA LEU B 100 26.29 -2.07 -28.30
C LEU B 100 27.08 -1.16 -27.36
N LEU B 101 28.13 -1.69 -26.74
CA LEU B 101 28.94 -0.91 -25.81
C LEU B 101 30.41 -1.19 -26.04
N THR B 102 31.22 -0.14 -26.02
CA THR B 102 32.65 -0.24 -26.26
C THR B 102 33.40 0.75 -25.39
N PHE B 103 34.41 0.28 -24.68
CA PHE B 103 35.29 1.13 -23.90
C PHE B 103 36.51 1.51 -24.70
N GLY B 104 37.03 2.71 -24.44
CA GLY B 104 38.31 3.11 -25.00
C GLY B 104 39.47 2.48 -24.24
N ALA B 105 40.65 2.58 -24.84
CA ALA B 105 41.84 2.02 -24.20
C ALA B 105 42.24 2.77 -22.95
N GLY B 106 41.73 3.98 -22.75
CA GLY B 106 41.98 4.73 -21.54
C GLY B 106 43.13 5.72 -21.68
N THR B 107 43.10 6.73 -20.82
CA THR B 107 44.16 7.73 -20.73
C THR B 107 44.62 7.77 -19.28
N LYS B 108 45.91 7.50 -19.06
CA LYS B 108 46.47 7.47 -17.72
C LYS B 108 47.08 8.82 -17.38
N LEU B 109 46.82 9.29 -16.17
CA LEU B 109 47.42 10.51 -15.66
C LEU B 109 48.50 10.15 -14.65
N GLU B 110 49.69 10.72 -14.83
CA GLU B 110 50.80 10.51 -13.92
C GLU B 110 51.34 11.85 -13.46
N LEU B 111 51.98 11.85 -12.30
CA LEU B 111 52.55 13.07 -11.74
C LEU B 111 53.85 13.41 -12.45
N LYS B 112 53.92 14.63 -12.98
CA LYS B 112 55.12 15.09 -13.67
C LYS B 112 56.22 15.42 -12.68
N ARG B 113 57.45 15.05 -13.03
CA ARG B 113 58.61 15.37 -12.22
C ARG B 113 59.82 15.48 -13.13
N ALA B 114 60.96 15.86 -12.56
CA ALA B 114 62.19 15.97 -13.33
C ALA B 114 62.68 14.58 -13.74
N ASP B 115 63.32 14.52 -14.90
CA ASP B 115 63.86 13.26 -15.40
C ASP B 115 64.93 12.73 -14.45
N ALA B 116 65.01 11.41 -14.33
CA ALA B 116 65.95 10.75 -13.44
C ALA B 116 66.43 9.46 -14.08
N ALA B 117 67.74 9.27 -14.08
CA ALA B 117 68.33 8.05 -14.61
C ALA B 117 68.15 6.89 -13.63
N PRO B 118 68.00 5.67 -14.12
CA PRO B 118 67.81 4.53 -13.23
C PRO B 118 69.11 4.09 -12.56
N THR B 119 68.96 3.57 -11.35
CA THR B 119 70.06 2.91 -10.64
C THR B 119 69.96 1.41 -10.96
N VAL B 120 70.90 0.91 -11.76
CA VAL B 120 70.82 -0.43 -12.30
C VAL B 120 71.73 -1.36 -11.49
N SER B 121 71.20 -2.53 -11.12
CA SER B 121 71.95 -3.54 -10.41
C SER B 121 71.65 -4.91 -11.02
N ILE B 122 72.69 -5.71 -11.22
CA ILE B 122 72.57 -7.03 -11.82
C ILE B 122 73.00 -8.07 -10.79
N PHE B 123 72.32 -9.23 -10.81
CA PHE B 123 72.55 -10.26 -9.82
C PHE B 123 72.69 -11.63 -10.49
N PRO B 124 73.71 -12.40 -10.14
CA PRO B 124 73.86 -13.75 -10.68
C PRO B 124 72.83 -14.69 -10.08
N PRO B 125 72.59 -15.84 -10.70
CA PRO B 125 71.70 -16.83 -10.09
C PRO B 125 72.25 -17.33 -8.77
N SER B 126 71.37 -17.47 -7.79
CA SER B 126 71.78 -17.94 -6.47
C SER B 126 72.15 -19.43 -6.54
N SER B 127 72.96 -19.85 -5.56
CA SER B 127 73.38 -21.25 -5.51
C SER B 127 72.20 -22.17 -5.26
N GLU B 128 71.21 -21.72 -4.50
CA GLU B 128 70.06 -22.57 -4.20
C GLU B 128 69.21 -22.82 -5.45
N GLN B 129 69.07 -21.81 -6.31
CA GLN B 129 68.32 -22.02 -7.54
C GLN B 129 69.04 -22.95 -8.49
N LEU B 130 70.38 -22.90 -8.50
CA LEU B 130 71.14 -23.77 -9.41
C LEU B 130 71.00 -25.23 -9.04
N THR B 131 70.81 -25.54 -7.75
CA THR B 131 70.57 -26.93 -7.36
C THR B 131 69.25 -27.44 -7.87
N SER B 132 68.32 -26.56 -8.23
CA SER B 132 67.03 -26.95 -8.79
C SER B 132 67.07 -27.12 -10.30
N GLY B 133 68.15 -26.71 -10.96
CA GLY B 133 68.26 -26.82 -12.40
C GLY B 133 67.99 -25.55 -13.17
N GLY B 134 67.45 -24.52 -12.52
CA GLY B 134 67.17 -23.25 -13.18
C GLY B 134 68.21 -22.20 -12.86
N ALA B 135 68.22 -21.15 -13.69
CA ALA B 135 69.17 -20.05 -13.50
C ALA B 135 68.49 -18.76 -13.94
N SER B 136 68.27 -17.85 -12.99
CA SER B 136 67.61 -16.58 -13.27
C SER B 136 68.59 -15.44 -12.95
N VAL B 137 68.92 -14.66 -13.97
CA VAL B 137 69.72 -13.44 -13.80
C VAL B 137 68.76 -12.27 -13.64
N VAL B 138 68.91 -11.53 -12.55
CA VAL B 138 67.98 -10.47 -12.18
C VAL B 138 68.65 -9.12 -12.40
N CYS B 139 67.90 -8.18 -12.99
CA CYS B 139 68.36 -6.82 -13.19
C CYS B 139 67.31 -5.88 -12.60
N PHE B 140 67.74 -5.05 -11.64
CA PHE B 140 66.88 -4.04 -11.04
C PHE B 140 67.19 -2.69 -11.65
N LEU B 141 66.14 -1.96 -12.02
CA LEU B 141 66.26 -0.60 -12.56
C LEU B 141 65.35 0.28 -11.72
N ASN B 142 65.93 0.98 -10.75
CA ASN B 142 65.16 1.62 -9.69
C ASN B 142 65.17 3.13 -9.83
N ASN B 143 64.01 3.74 -9.56
CA ASN B 143 63.86 5.19 -9.39
C ASN B 143 64.30 5.95 -10.64
N PHE B 144 63.59 5.72 -11.73
CA PHE B 144 63.83 6.43 -12.98
C PHE B 144 62.55 7.10 -13.44
N TYR B 145 62.71 8.16 -14.24
CA TYR B 145 61.58 8.88 -14.80
C TYR B 145 62.03 9.53 -16.11
N PRO B 146 61.22 9.49 -17.18
CA PRO B 146 59.87 8.93 -17.28
C PRO B 146 59.84 7.40 -17.29
N LYS B 147 58.65 6.80 -17.35
CA LYS B 147 58.54 5.35 -17.24
C LYS B 147 59.12 4.64 -18.45
N ASP B 148 59.06 5.26 -19.63
CA ASP B 148 59.54 4.62 -20.85
C ASP B 148 61.03 4.37 -20.76
N ILE B 149 61.43 3.13 -21.05
CA ILE B 149 62.82 2.70 -20.97
C ILE B 149 62.96 1.36 -21.65
N ASN B 150 64.08 1.15 -22.33
CA ASN B 150 64.37 -0.10 -23.02
C ASN B 150 65.52 -0.81 -22.31
N VAL B 151 65.30 -2.08 -21.97
CA VAL B 151 66.31 -2.92 -21.36
C VAL B 151 66.50 -4.15 -22.22
N LYS B 152 67.76 -4.48 -22.51
CA LYS B 152 68.10 -5.63 -23.33
C LYS B 152 69.17 -6.46 -22.64
N TRP B 153 69.07 -7.78 -22.83
CA TRP B 153 70.03 -8.72 -22.27
C TRP B 153 71.01 -9.17 -23.34
N LYS B 154 72.28 -9.29 -22.97
CA LYS B 154 73.31 -9.74 -23.89
C LYS B 154 74.19 -10.77 -23.19
N ILE B 155 74.26 -11.97 -23.75
CA ILE B 155 75.12 -13.03 -23.25
C ILE B 155 76.33 -13.15 -24.16
N ASP B 156 77.52 -12.93 -23.59
CA ASP B 156 78.78 -13.00 -24.33
C ASP B 156 78.73 -12.08 -25.55
N GLY B 157 78.06 -10.93 -25.40
CA GLY B 157 77.92 -9.96 -26.46
C GLY B 157 76.68 -10.13 -27.32
N SER B 158 76.08 -11.32 -27.33
CA SER B 158 74.94 -11.60 -28.19
C SER B 158 73.63 -11.31 -27.45
N GLU B 159 72.74 -10.57 -28.10
CA GLU B 159 71.49 -10.18 -27.49
C GLU B 159 70.58 -11.39 -27.28
N ARG B 160 69.81 -11.35 -26.19
CA ARG B 160 68.88 -12.42 -25.85
C ARG B 160 67.51 -11.82 -25.54
N GLN B 161 66.47 -12.37 -26.16
CA GLN B 161 65.11 -11.88 -25.99
C GLN B 161 64.19 -12.88 -25.30
N ASN B 162 64.25 -14.16 -25.67
CA ASN B 162 63.41 -15.16 -25.06
C ASN B 162 63.85 -15.44 -23.64
N GLY B 163 62.89 -15.84 -22.80
CA GLY B 163 63.17 -16.10 -21.40
C GLY B 163 63.33 -14.87 -20.54
N VAL B 164 62.92 -13.70 -21.03
CA VAL B 164 63.03 -12.44 -20.28
C VAL B 164 61.64 -12.03 -19.84
N LEU B 165 61.50 -11.71 -18.57
CA LEU B 165 60.24 -11.24 -18.00
C LEU B 165 60.46 -9.92 -17.28
N ASN B 166 59.54 -8.98 -17.50
CA ASN B 166 59.65 -7.64 -16.96
C ASN B 166 58.49 -7.34 -16.03
N SER B 167 58.74 -6.47 -15.05
CA SER B 167 57.73 -6.07 -14.08
C SER B 167 58.00 -4.64 -13.65
N TRP B 168 56.98 -3.79 -13.78
CA TRP B 168 57.08 -2.39 -13.41
C TRP B 168 56.30 -2.12 -12.12
N THR B 169 56.82 -1.21 -11.31
CA THR B 169 56.04 -0.67 -10.21
C THR B 169 55.14 0.44 -10.72
N ASP B 170 54.09 0.73 -9.95
CA ASP B 170 53.34 1.95 -10.18
C ASP B 170 54.18 3.16 -9.78
N GLN B 171 53.74 4.34 -10.18
CA GLN B 171 54.47 5.55 -9.85
C GLN B 171 54.63 5.68 -8.35
N ASP B 172 55.87 5.87 -7.91
CA ASP B 172 56.16 5.90 -6.48
C ASP B 172 55.45 7.08 -5.80
N SER B 173 54.78 6.79 -4.69
CA SER B 173 54.04 7.82 -3.97
C SER B 173 54.92 8.79 -3.21
N LYS B 174 56.22 8.49 -3.06
CA LYS B 174 57.13 9.40 -2.35
C LYS B 174 57.85 10.35 -3.30
N ASP B 175 58.44 9.83 -4.38
CA ASP B 175 59.26 10.64 -5.27
C ASP B 175 58.80 10.60 -6.72
N SER B 176 57.64 10.01 -7.01
CA SER B 176 57.03 10.02 -8.33
C SER B 176 57.89 9.32 -9.39
N THR B 177 58.77 8.42 -9.00
CA THR B 177 59.60 7.69 -9.94
C THR B 177 59.03 6.31 -10.22
N TYR B 178 59.62 5.62 -11.18
CA TYR B 178 59.27 4.26 -11.54
C TYR B 178 60.45 3.34 -11.30
N SER B 179 60.14 2.06 -11.06
CA SER B 179 61.16 1.03 -10.90
C SER B 179 60.77 -0.18 -11.74
N MET B 180 61.77 -0.88 -12.26
CA MET B 180 61.53 -2.06 -13.09
C MET B 180 62.44 -3.20 -12.65
N SER B 181 61.92 -4.42 -12.82
CA SER B 181 62.68 -5.64 -12.58
C SER B 181 62.65 -6.47 -13.85
N SER B 182 63.84 -6.83 -14.35
CA SER B 182 63.98 -7.67 -15.53
C SER B 182 64.70 -8.95 -15.13
N THR B 183 64.10 -10.09 -15.46
CA THR B 183 64.61 -11.39 -15.06
C THR B 183 64.81 -12.27 -16.29
N LEU B 184 66.06 -12.58 -16.60
CA LEU B 184 66.39 -13.53 -17.67
C LEU B 184 66.55 -14.90 -17.04
N THR B 185 65.65 -15.82 -17.37
CA THR B 185 65.66 -17.17 -16.83
C THR B 185 66.14 -18.13 -17.90
N LEU B 186 67.21 -18.88 -17.60
CA LEU B 186 67.74 -19.90 -18.48
C LEU B 186 67.90 -21.20 -17.71
N THR B 187 68.07 -22.29 -18.45
CA THR B 187 68.41 -23.56 -17.83
C THR B 187 69.83 -23.51 -17.30
N LYS B 188 70.11 -24.36 -16.31
CA LYS B 188 71.44 -24.39 -15.71
C LYS B 188 72.50 -24.74 -16.73
N ASP B 189 72.18 -25.65 -17.66
CA ASP B 189 73.12 -26.01 -18.71
C ASP B 189 73.37 -24.85 -19.65
N GLU B 190 72.31 -24.14 -20.04
CA GLU B 190 72.48 -22.97 -20.88
C GLU B 190 73.27 -21.88 -20.15
N TYR B 191 72.99 -21.69 -18.86
CA TYR B 191 73.71 -20.70 -18.09
C TYR B 191 75.19 -21.06 -17.96
N GLU B 192 75.52 -22.35 -18.00
CA GLU B 192 76.90 -22.80 -17.89
C GLU B 192 77.62 -22.86 -19.22
N ARG B 193 76.93 -22.61 -20.34
CA ARG B 193 77.57 -22.60 -21.64
C ARG B 193 78.19 -21.26 -21.98
N HIS B 194 77.89 -20.20 -21.23
CA HIS B 194 78.41 -18.87 -21.50
C HIS B 194 78.98 -18.28 -20.22
N ASN B 195 79.73 -17.19 -20.37
CA ASN B 195 80.45 -16.58 -19.27
C ASN B 195 79.93 -15.20 -18.90
N SER B 196 79.85 -14.27 -19.86
CA SER B 196 79.48 -12.89 -19.56
C SER B 196 77.99 -12.69 -19.73
N TYR B 197 77.36 -12.09 -18.71
CA TYR B 197 75.93 -11.77 -18.72
C TYR B 197 75.79 -10.30 -18.38
N THR B 198 75.20 -9.52 -19.28
CA THR B 198 75.09 -8.09 -19.10
C THR B 198 73.64 -7.63 -19.23
N CYS B 199 73.36 -6.49 -18.62
CA CYS B 199 72.04 -5.87 -18.63
C CYS B 199 72.21 -4.43 -19.09
N GLU B 200 71.56 -4.07 -20.19
CA GLU B 200 71.75 -2.77 -20.83
C GLU B 200 70.46 -1.97 -20.77
N ALA B 201 70.55 -0.75 -20.25
CA ALA B 201 69.38 0.11 -20.03
C ALA B 201 69.51 1.37 -20.88
N THR B 202 68.53 1.59 -21.76
CA THR B 202 68.49 2.78 -22.60
C THR B 202 67.38 3.70 -22.10
N HIS B 203 67.76 4.89 -21.65
CA HIS B 203 66.82 5.85 -21.09
C HIS B 203 67.12 7.23 -21.65
N LYS B 204 66.10 8.07 -21.71
CA LYS B 204 66.25 9.40 -22.33
C LYS B 204 67.17 10.31 -21.54
N THR B 205 67.54 9.95 -20.31
CA THR B 205 68.44 10.77 -19.51
C THR B 205 69.90 10.68 -19.97
N SER B 206 70.22 9.79 -20.90
CA SER B 206 71.58 9.64 -21.38
C SER B 206 71.55 9.08 -22.79
N THR B 207 72.52 9.50 -23.61
CA THR B 207 72.62 8.98 -24.96
C THR B 207 73.21 7.58 -24.99
N SER B 208 74.12 7.26 -24.06
CA SER B 208 74.75 5.96 -24.03
C SER B 208 74.07 5.06 -22.99
N PRO B 209 73.70 3.84 -23.36
CA PRO B 209 73.02 2.95 -22.41
C PRO B 209 73.82 2.76 -21.12
N ILE B 210 73.10 2.46 -20.05
CA ILE B 210 73.71 2.09 -18.77
C ILE B 210 74.01 0.60 -18.78
N VAL B 211 75.26 0.23 -18.52
CA VAL B 211 75.72 -1.15 -18.64
C VAL B 211 76.08 -1.67 -17.25
N LYS B 212 75.49 -2.81 -16.89
CA LYS B 212 75.87 -3.55 -15.70
C LYS B 212 76.09 -5.00 -16.10
N SER B 213 77.19 -5.58 -15.63
CA SER B 213 77.59 -6.90 -16.10
C SER B 213 78.29 -7.67 -14.98
N PHE B 214 78.42 -8.97 -15.20
CA PHE B 214 79.23 -9.83 -14.35
C PHE B 214 79.70 -11.02 -15.17
N ASN B 215 80.87 -11.55 -14.82
CA ASN B 215 81.41 -12.74 -15.46
C ASN B 215 81.21 -13.93 -14.54
N ARG B 216 80.66 -15.01 -15.08
CA ARG B 216 80.38 -16.20 -14.28
C ARG B 216 81.64 -16.80 -13.69
N ASN B 217 82.77 -16.69 -14.40
CA ASN B 217 84.01 -17.28 -13.93
C ASN B 217 84.61 -16.53 -12.75
N GLU B 218 84.18 -15.29 -12.50
CA GLU B 218 84.79 -14.46 -11.48
C GLU B 218 83.75 -13.89 -10.51
N ILE C 3 -16.94 -17.91 -20.94
CA ILE C 3 -15.74 -17.15 -21.26
C ILE C 3 -16.12 -15.80 -21.84
N PRO C 4 -15.53 -14.74 -21.30
CA PRO C 4 -15.90 -13.38 -21.77
C PRO C 4 -15.45 -13.14 -23.20
N THR C 5 -16.25 -12.38 -23.93
CA THR C 5 -15.90 -11.96 -25.28
C THR C 5 -15.06 -10.69 -25.23
N ASP C 6 -14.53 -10.31 -26.41
CA ASP C 6 -13.64 -9.16 -26.47
C ASP C 6 -14.34 -7.87 -26.07
N GLN C 7 -15.64 -7.74 -26.38
CA GLN C 7 -16.37 -6.55 -25.98
C GLN C 7 -16.55 -6.48 -24.48
N GLU C 8 -16.81 -7.63 -23.83
CA GLU C 8 -16.97 -7.64 -22.39
C GLU C 8 -15.67 -7.30 -21.67
N ILE C 9 -14.54 -7.78 -22.19
CA ILE C 9 -13.25 -7.50 -21.57
C ILE C 9 -12.95 -6.00 -21.65
N MET C 10 -13.11 -5.42 -22.84
CA MET C 10 -12.84 -4.00 -23.02
C MET C 10 -13.79 -3.15 -22.17
N ASP C 11 -15.06 -3.54 -22.10
CA ASP C 11 -16.02 -2.77 -21.31
C ASP C 11 -15.75 -2.87 -19.82
N ALA C 12 -15.10 -3.94 -19.37
CA ALA C 12 -14.74 -4.08 -17.97
C ALA C 12 -13.58 -3.18 -17.57
N HIS C 13 -12.85 -2.62 -18.54
CA HIS C 13 -11.71 -1.76 -18.26
C HIS C 13 -11.99 -0.30 -18.65
N LYS C 14 -13.27 0.08 -18.67
CA LYS C 14 -13.63 1.42 -19.12
C LYS C 14 -13.48 2.47 -18.02
N ILE C 15 -13.52 2.08 -16.75
CA ILE C 15 -13.34 2.99 -15.63
C ILE C 15 -12.01 2.65 -14.97
N TYR C 16 -11.09 3.62 -14.96
CA TYR C 16 -9.77 3.41 -14.41
C TYR C 16 -9.31 4.67 -13.66
N PHE C 17 -8.45 4.44 -12.66
CA PHE C 17 -7.86 5.51 -11.87
C PHE C 17 -6.35 5.33 -11.83
N ALA C 18 -5.63 6.44 -11.87
CA ALA C 18 -4.17 6.42 -11.87
C ALA C 18 -3.65 6.62 -10.45
N ASP C 19 -2.71 5.78 -10.05
CA ASP C 19 -2.04 5.92 -8.76
C ASP C 19 -0.91 6.92 -8.93
N LEU C 20 -1.10 8.14 -8.44
CA LEU C 20 -0.18 9.23 -8.69
C LEU C 20 0.41 9.76 -7.39
N ASN C 21 1.63 10.31 -7.50
CA ASN C 21 2.26 11.09 -6.45
C ASN C 21 2.59 12.46 -7.01
N PHE C 22 2.07 13.51 -6.38
CA PHE C 22 2.15 14.85 -6.90
C PHE C 22 2.90 15.76 -5.94
N ASN C 23 3.80 16.57 -6.48
CA ASN C 23 4.53 17.57 -5.70
C ASN C 23 3.97 18.96 -6.03
N PRO C 24 3.19 19.57 -5.14
CA PRO C 24 2.67 20.92 -5.44
C PRO C 24 3.75 21.97 -5.55
N SER C 25 4.91 21.78 -4.91
CA SER C 25 5.95 22.80 -4.95
C SER C 25 6.66 22.84 -6.30
N THR C 26 6.95 21.67 -6.88
CA THR C 26 7.63 21.60 -8.17
C THR C 26 6.71 21.28 -9.33
N GLY C 27 5.50 20.81 -9.06
CA GLY C 27 4.56 20.46 -10.10
C GLY C 27 4.76 19.09 -10.72
N ASN C 28 5.78 18.34 -10.28
CA ASN C 28 6.07 17.04 -10.88
C ASN C 28 5.07 15.99 -10.42
N THR C 29 4.73 15.07 -11.32
CA THR C 29 3.80 13.99 -11.04
C THR C 29 4.40 12.68 -11.51
N TYR C 30 4.20 11.62 -10.72
CA TYR C 30 4.73 10.30 -11.03
C TYR C 30 3.61 9.28 -10.93
N ILE C 31 3.55 8.37 -11.91
CA ILE C 31 2.58 7.29 -11.89
C ILE C 31 3.19 6.08 -11.20
N ASN C 32 2.45 5.50 -10.26
CA ASN C 32 2.83 4.23 -9.64
C ASN C 32 2.10 3.04 -10.26
N GLY C 33 0.84 3.23 -10.63
CA GLY C 33 0.09 2.13 -11.19
C GLY C 33 -1.27 2.59 -11.68
N MET C 34 -2.13 1.63 -11.98
CA MET C 34 -3.46 1.90 -12.50
C MET C 34 -4.46 0.92 -11.92
N TYR C 35 -5.55 1.46 -11.36
CA TYR C 35 -6.66 0.64 -10.91
C TYR C 35 -7.69 0.50 -12.01
N PHE C 36 -8.25 -0.70 -12.14
CA PHE C 36 -9.42 -0.94 -12.98
C PHE C 36 -10.60 -1.20 -12.07
N ALA C 37 -11.62 -0.35 -12.16
CA ALA C 37 -12.66 -0.32 -11.15
C ALA C 37 -13.54 -1.57 -11.23
N PRO C 38 -13.92 -2.15 -10.09
CA PRO C 38 -14.90 -3.23 -10.09
C PRO C 38 -16.32 -2.66 -10.10
N THR C 39 -17.13 -3.14 -11.04
CA THR C 39 -18.52 -2.76 -11.16
C THR C 39 -19.40 -3.96 -10.86
N GLN C 40 -20.71 -3.76 -10.98
CA GLN C 40 -21.65 -4.85 -10.70
C GLN C 40 -21.66 -5.90 -11.81
N THR C 41 -21.14 -5.57 -13.00
CA THR C 41 -21.21 -6.46 -14.16
C THR C 41 -19.86 -6.63 -14.84
N ASN C 42 -18.76 -6.65 -14.07
CA ASN C 42 -17.44 -6.80 -14.68
C ASN C 42 -16.52 -7.74 -13.93
N LYS C 43 -17.02 -8.43 -12.90
CA LYS C 43 -16.15 -9.30 -12.10
C LYS C 43 -15.57 -10.43 -12.95
N GLU C 44 -16.36 -10.97 -13.88
CA GLU C 44 -15.90 -12.12 -14.66
C GLU C 44 -14.80 -11.72 -15.64
N ALA C 45 -15.00 -10.62 -16.36
CA ALA C 45 -14.02 -10.21 -17.37
C ALA C 45 -12.72 -9.76 -16.72
N LEU C 46 -12.81 -9.10 -15.55
CA LEU C 46 -11.60 -8.66 -14.86
C LEU C 46 -10.81 -9.85 -14.31
N ASP C 47 -11.50 -10.82 -13.71
CA ASP C 47 -10.83 -12.00 -13.18
C ASP C 47 -10.34 -12.92 -14.28
N TYR C 48 -10.84 -12.75 -15.51
CA TYR C 48 -10.38 -13.57 -16.63
C TYR C 48 -9.03 -13.11 -17.14
N ILE C 49 -8.72 -11.82 -17.02
CA ILE C 49 -7.43 -11.26 -17.42
C ILE C 49 -6.45 -11.43 -16.28
N GLN C 50 -5.23 -11.87 -16.61
CA GLN C 50 -4.19 -12.06 -15.62
C GLN C 50 -2.90 -11.30 -15.93
N LYS C 51 -2.62 -11.00 -17.19
CA LYS C 51 -1.41 -10.29 -17.58
C LYS C 51 -1.78 -9.01 -18.31
N TYR C 52 -0.89 -8.02 -18.22
CA TYR C 52 -1.11 -6.72 -18.85
C TYR C 52 0.18 -6.26 -19.51
N ARG C 53 0.08 -5.88 -20.79
CA ARG C 53 1.20 -5.28 -21.51
C ARG C 53 1.01 -3.78 -21.56
N VAL C 54 2.07 -3.02 -21.28
CA VAL C 54 2.00 -1.58 -21.18
C VAL C 54 3.07 -0.97 -22.09
N GLU C 55 2.68 0.06 -22.84
CA GLU C 55 3.60 0.90 -23.59
C GLU C 55 3.48 2.31 -23.06
N ALA C 56 4.59 2.86 -22.56
CA ALA C 56 4.57 4.15 -21.89
C ALA C 56 5.60 5.08 -22.50
N THR C 57 5.48 6.36 -22.16
CA THR C 57 6.40 7.40 -22.62
C THR C 57 7.44 7.64 -21.53
N LEU C 58 8.68 7.23 -21.80
CA LEU C 58 9.75 7.46 -20.85
C LEU C 58 10.33 8.85 -21.01
N GLN C 59 10.92 9.36 -19.93
CA GLN C 59 11.36 10.75 -19.90
C GLN C 59 12.42 11.04 -20.96
N TYR C 60 13.35 10.11 -21.16
CA TYR C 60 14.45 10.33 -22.10
C TYR C 60 14.46 9.35 -23.26
N SER C 61 14.00 8.12 -23.07
CA SER C 61 13.97 7.14 -24.15
C SER C 61 12.71 7.22 -25.00
N GLY C 62 11.68 7.94 -24.54
CA GLY C 62 10.49 8.13 -25.34
C GLY C 62 9.48 7.01 -25.15
N PHE C 63 8.62 6.88 -26.16
CA PHE C 63 7.56 5.87 -26.15
C PHE C 63 8.16 4.49 -26.37
N LYS C 64 8.07 3.63 -25.36
CA LYS C 64 8.65 2.30 -25.43
C LYS C 64 7.71 1.29 -24.77
N ASP C 65 7.85 0.03 -25.18
CA ASP C 65 7.18 -1.08 -24.50
C ASP C 65 7.94 -1.39 -23.23
N ILE C 66 7.27 -1.28 -22.08
CA ILE C 66 7.92 -1.50 -20.79
C ILE C 66 7.74 -2.91 -20.25
N GLY C 67 7.06 -3.78 -20.99
CA GLY C 67 6.99 -5.19 -20.65
C GLY C 67 5.56 -5.68 -20.52
N THR C 68 5.43 -6.96 -20.22
CA THR C 68 4.15 -7.65 -20.04
C THR C 68 4.23 -8.41 -18.73
N LYS C 69 3.57 -7.91 -17.69
CA LYS C 69 3.69 -8.46 -16.34
C LYS C 69 2.35 -8.99 -15.86
N ASP C 70 2.42 -9.87 -14.87
CA ASP C 70 1.21 -10.35 -14.20
C ASP C 70 0.54 -9.20 -13.46
N LYS C 71 -0.79 -9.20 -13.46
CA LYS C 71 -1.53 -8.18 -12.74
C LYS C 71 -1.40 -8.38 -11.24
N GLU C 72 -1.71 -7.33 -10.49
CA GLU C 72 -1.80 -7.40 -9.04
C GLU C 72 -3.25 -7.18 -8.60
N MET C 73 -3.55 -7.67 -7.40
CA MET C 73 -4.87 -7.55 -6.81
C MET C 73 -4.76 -6.65 -5.58
N ARG C 74 -5.24 -5.41 -5.71
CA ARG C 74 -5.12 -4.43 -4.65
C ARG C 74 -6.48 -3.83 -4.34
N ASN C 75 -6.66 -3.40 -3.09
CA ASN C 75 -7.86 -2.70 -2.69
C ASN C 75 -8.09 -1.49 -3.58
N TYR C 76 -9.25 -1.42 -4.21
CA TYR C 76 -9.57 -0.38 -5.18
C TYR C 76 -9.37 1.00 -4.58
N LEU C 77 -8.54 1.81 -5.23
CA LEU C 77 -8.17 3.16 -4.79
C LEU C 77 -7.43 3.17 -3.45
N GLY C 78 -6.90 2.02 -3.04
CA GLY C 78 -6.23 1.95 -1.75
C GLY C 78 -7.17 2.02 -0.56
N ASP C 79 -8.46 1.78 -0.78
CA ASP C 79 -9.46 1.83 0.28
C ASP C 79 -9.60 0.44 0.89
N PRO C 80 -9.28 0.25 2.17
CA PRO C 80 -9.45 -1.08 2.77
C PRO C 80 -10.88 -1.58 2.77
N ASN C 81 -11.86 -0.67 2.79
CA ASN C 81 -13.26 -1.06 2.78
C ASN C 81 -13.76 -1.46 1.40
N GLN C 82 -12.94 -1.32 0.36
CA GLN C 82 -13.22 -1.64 -1.03
C GLN C 82 -12.57 -2.97 -1.41
N PRO C 83 -13.23 -3.77 -2.25
CA PRO C 83 -12.66 -5.08 -2.61
C PRO C 83 -11.41 -4.94 -3.48
N LYS C 84 -10.65 -6.03 -3.54
CA LYS C 84 -9.47 -6.07 -4.39
C LYS C 84 -9.88 -6.08 -5.86
N THR C 85 -9.12 -5.38 -6.69
CA THR C 85 -9.41 -5.28 -8.11
C THR C 85 -8.12 -5.31 -8.90
N ASN C 86 -8.26 -5.43 -10.22
CA ASN C 86 -7.09 -5.46 -11.10
C ASN C 86 -6.29 -4.18 -10.97
N TYR C 87 -4.99 -4.32 -10.75
CA TYR C 87 -4.09 -3.19 -10.56
C TYR C 87 -2.83 -3.43 -11.37
N VAL C 88 -2.58 -2.55 -12.35
CA VAL C 88 -1.38 -2.62 -13.17
C VAL C 88 -0.29 -1.84 -12.42
N ASN C 89 0.63 -2.56 -11.80
CA ASN C 89 1.71 -1.95 -11.03
C ASN C 89 2.86 -1.62 -11.98
N LEU C 90 3.00 -0.33 -12.29
CA LEU C 90 4.06 0.10 -13.21
C LEU C 90 5.45 -0.01 -12.61
N ARG C 91 5.56 -0.20 -11.29
CA ARG C 91 6.87 -0.32 -10.66
C ARG C 91 7.55 -1.64 -10.99
N SER C 92 6.80 -2.62 -11.49
CA SER C 92 7.36 -3.93 -11.82
C SER C 92 7.70 -4.06 -13.31
N TYR C 93 7.45 -3.03 -14.10
CA TYR C 93 7.82 -3.04 -15.52
C TYR C 93 9.21 -2.43 -15.69
N PHE C 94 9.80 -2.68 -16.86
CA PHE C 94 11.16 -2.22 -17.15
C PHE C 94 11.13 -0.80 -17.69
N THR C 95 11.77 0.12 -16.97
CA THR C 95 11.91 1.50 -17.41
C THR C 95 13.36 1.97 -17.46
N GLY C 96 14.32 1.12 -17.10
CA GLY C 96 15.68 1.57 -16.99
C GLY C 96 15.91 2.62 -15.93
N GLY C 97 15.00 2.72 -14.97
CA GLY C 97 15.04 3.79 -14.00
C GLY C 97 14.48 5.11 -14.48
N GLU C 98 14.04 5.19 -15.73
CA GLU C 98 13.50 6.42 -16.28
C GLU C 98 12.08 6.66 -15.76
N ASN C 99 11.75 7.94 -15.61
CA ASN C 99 10.40 8.29 -15.17
C ASN C 99 9.41 8.11 -16.30
N ILE C 100 8.21 7.65 -15.95
CA ILE C 100 7.10 7.55 -16.90
C ILE C 100 6.39 8.89 -16.92
N MET C 101 6.38 9.55 -18.08
CA MET C 101 5.70 10.83 -18.20
C MET C 101 4.20 10.64 -17.97
N THR C 102 3.66 11.39 -17.01
CA THR C 102 2.31 11.10 -16.52
C THR C 102 1.25 11.40 -17.58
N TYR C 103 1.30 12.58 -18.17
CA TYR C 103 0.25 13.03 -19.08
C TYR C 103 0.62 12.86 -20.56
N LYS C 104 1.59 11.99 -20.85
CA LYS C 104 1.96 11.70 -22.22
C LYS C 104 1.39 10.34 -22.64
N LYS C 105 1.75 9.90 -23.84
CA LYS C 105 1.11 8.74 -24.45
C LYS C 105 1.30 7.49 -23.60
N LEU C 106 0.21 6.73 -23.43
CA LEU C 106 0.22 5.52 -22.63
C LEU C 106 -0.82 4.55 -23.18
N ARG C 107 -0.41 3.31 -23.42
CA ARG C 107 -1.30 2.26 -23.90
C ARG C 107 -1.16 1.04 -23.00
N ILE C 108 -2.29 0.42 -22.67
CA ILE C 108 -2.32 -0.78 -21.84
C ILE C 108 -3.13 -1.83 -22.57
N TYR C 109 -2.55 -3.02 -22.73
CA TYR C 109 -3.20 -4.14 -23.39
C TYR C 109 -3.47 -5.25 -22.38
N ALA C 110 -4.62 -5.90 -22.52
CA ALA C 110 -4.98 -7.03 -21.68
C ALA C 110 -4.64 -8.32 -22.40
N ILE C 111 -3.96 -9.23 -21.71
CA ILE C 111 -3.59 -10.52 -22.27
C ILE C 111 -4.56 -11.57 -21.75
N THR C 112 -5.21 -12.27 -22.65
CA THR C 112 -6.09 -13.36 -22.28
C THR C 112 -5.30 -14.65 -22.14
N PRO C 113 -5.83 -15.62 -21.38
CA PRO C 113 -5.12 -16.90 -21.22
C PRO C 113 -4.88 -17.64 -22.53
N ASP C 114 -5.65 -17.36 -23.58
CA ASP C 114 -5.42 -17.95 -24.89
C ASP C 114 -4.68 -17.00 -25.84
N ASP C 115 -3.93 -16.04 -25.28
CA ASP C 115 -3.03 -15.17 -26.03
C ASP C 115 -3.78 -14.32 -27.07
N ARG C 116 -4.80 -13.60 -26.58
CA ARG C 116 -5.35 -12.46 -27.30
C ARG C 116 -4.96 -11.20 -26.56
N GLU C 117 -4.64 -10.15 -27.30
CA GLU C 117 -4.27 -8.88 -26.70
C GLU C 117 -5.28 -7.83 -27.15
N LEU C 118 -5.86 -7.13 -26.17
CA LEU C 118 -6.89 -6.13 -26.40
C LEU C 118 -6.46 -4.83 -25.74
N LEU C 119 -6.41 -3.76 -26.53
CA LEU C 119 -6.12 -2.43 -26.00
C LEU C 119 -7.26 -2.01 -25.06
N VAL C 120 -6.96 -1.93 -23.78
CA VAL C 120 -7.98 -1.60 -22.79
C VAL C 120 -7.84 -0.18 -22.22
N LEU C 121 -6.65 0.42 -22.31
CA LEU C 121 -6.46 1.79 -21.83
C LEU C 121 -5.66 2.56 -22.87
N SER C 122 -6.09 3.78 -23.16
CA SER C 122 -5.43 4.63 -24.15
C SER C 122 -5.56 6.08 -23.69
N VAL C 123 -4.42 6.73 -23.47
CA VAL C 123 -4.41 8.11 -23.00
C VAL C 123 -3.44 8.94 -23.81
N GLN D 1 -19.67 -3.24 1.17
CA GLN D 1 -21.09 -2.99 1.38
C GLN D 1 -21.36 -2.62 2.83
N VAL D 2 -21.93 -1.43 3.03
CA VAL D 2 -22.14 -0.90 4.38
C VAL D 2 -23.26 -1.65 5.06
N GLN D 3 -23.02 -2.09 6.29
CA GLN D 3 -24.02 -2.79 7.09
C GLN D 3 -23.89 -2.37 8.55
N LEU D 4 -25.03 -2.18 9.19
CA LEU D 4 -25.11 -1.81 10.60
C LEU D 4 -25.86 -2.92 11.34
N GLN D 5 -25.16 -3.67 12.19
CA GLN D 5 -25.73 -4.80 12.90
C GLN D 5 -25.90 -4.42 14.37
N GLN D 6 -27.14 -4.36 14.83
CA GLN D 6 -27.46 -3.99 16.19
C GLN D 6 -27.65 -5.23 17.06
N SER D 7 -27.66 -5.01 18.37
CA SER D 7 -27.81 -6.09 19.33
C SER D 7 -29.18 -6.73 19.22
N GLY D 8 -29.31 -7.91 19.83
CA GLY D 8 -30.58 -8.58 19.91
C GLY D 8 -31.54 -7.86 20.86
N ALA D 9 -32.74 -8.42 20.98
CA ALA D 9 -33.75 -7.82 21.82
C ALA D 9 -33.30 -7.81 23.28
N GLU D 10 -33.75 -6.80 24.02
CA GLU D 10 -33.37 -6.62 25.41
C GLU D 10 -34.60 -6.66 26.30
N LEU D 11 -34.48 -7.37 27.41
CA LEU D 11 -35.46 -7.36 28.49
C LEU D 11 -34.77 -6.88 29.76
N ALA D 12 -35.31 -5.83 30.37
CA ALA D 12 -34.67 -5.23 31.53
C ALA D 12 -35.71 -4.88 32.58
N ARG D 13 -35.30 -5.01 33.83
CA ARG D 13 -36.12 -4.62 34.98
C ARG D 13 -36.10 -3.10 35.14
N PRO D 14 -37.21 -2.49 35.56
CA PRO D 14 -37.19 -1.04 35.82
C PRO D 14 -36.15 -0.69 36.88
N GLY D 15 -35.49 0.46 36.68
CA GLY D 15 -34.44 0.90 37.57
C GLY D 15 -33.06 0.40 37.19
N ALA D 16 -32.96 -0.64 36.37
CA ALA D 16 -31.67 -1.14 35.93
C ALA D 16 -31.20 -0.32 34.73
N SER D 17 -30.11 -0.77 34.09
CA SER D 17 -29.58 -0.11 32.92
C SER D 17 -29.27 -1.16 31.86
N VAL D 18 -29.21 -0.69 30.61
CA VAL D 18 -28.94 -1.56 29.47
C VAL D 18 -27.96 -0.84 28.55
N LYS D 19 -27.02 -1.60 27.99
CA LYS D 19 -26.05 -1.09 27.03
C LYS D 19 -26.24 -1.83 25.72
N MET D 20 -26.57 -1.08 24.67
CA MET D 20 -26.77 -1.63 23.33
C MET D 20 -25.56 -1.34 22.46
N SER D 21 -25.43 -2.11 21.38
CA SER D 21 -24.29 -2.01 20.48
C SER D 21 -24.78 -1.85 19.04
N CYS D 22 -23.90 -1.28 18.22
CA CYS D 22 -24.15 -1.12 16.78
C CYS D 22 -22.82 -1.35 16.08
N LYS D 23 -22.63 -2.57 15.57
CA LYS D 23 -21.38 -2.95 14.92
C LYS D 23 -21.39 -2.44 13.48
N ALA D 24 -20.45 -1.56 13.15
CA ALA D 24 -20.32 -1.02 11.81
C ALA D 24 -19.34 -1.84 11.00
N SER D 25 -19.63 -1.99 9.71
CA SER D 25 -18.77 -2.74 8.81
C SER D 25 -19.00 -2.24 7.39
N GLY D 26 -17.94 -2.30 6.58
CA GLY D 26 -18.01 -1.87 5.20
C GLY D 26 -17.61 -0.43 4.96
N TYR D 27 -17.20 0.30 5.99
CA TYR D 27 -16.78 1.69 5.84
C TYR D 27 -15.87 2.05 7.00
N THR D 28 -15.22 3.20 6.87
CA THR D 28 -14.33 3.71 7.91
C THR D 28 -15.18 4.26 9.06
N PHE D 29 -15.18 3.56 10.19
CA PHE D 29 -16.06 3.88 11.30
C PHE D 29 -15.78 5.25 11.90
N THR D 30 -14.57 5.79 11.72
CA THR D 30 -14.19 7.06 12.31
C THR D 30 -14.40 8.25 11.37
N SER D 31 -15.07 8.05 10.24
CA SER D 31 -15.27 9.12 9.27
C SER D 31 -16.74 9.51 9.12
N TYR D 32 -17.64 8.93 9.90
CA TYR D 32 -19.04 9.32 9.91
C TYR D 32 -19.51 9.41 11.36
N THR D 33 -20.48 10.29 11.60
CA THR D 33 -21.08 10.39 12.92
C THR D 33 -22.18 9.34 13.08
N MET D 34 -22.29 8.78 14.27
CA MET D 34 -23.23 7.71 14.57
C MET D 34 -24.37 8.27 15.40
N HIS D 35 -25.58 8.22 14.86
CA HIS D 35 -26.77 8.73 15.52
C HIS D 35 -27.66 7.58 15.98
N TRP D 36 -28.50 7.87 16.96
CA TRP D 36 -29.44 6.89 17.52
C TRP D 36 -30.84 7.49 17.56
N VAL D 37 -31.84 6.67 17.26
CA VAL D 37 -33.22 7.12 17.12
C VAL D 37 -34.12 6.18 17.93
N LYS D 38 -35.03 6.77 18.70
CA LYS D 38 -36.02 6.03 19.48
C LYS D 38 -37.37 6.03 18.77
N GLN D 39 -38.09 4.92 18.86
CA GLN D 39 -39.44 4.83 18.30
C GLN D 39 -40.28 3.94 19.20
N ARG D 40 -41.18 4.54 19.98
CA ARG D 40 -42.08 3.77 20.81
C ARG D 40 -43.16 3.11 19.95
N PRO D 41 -43.72 1.99 20.40
CA PRO D 41 -44.69 1.26 19.56
C PRO D 41 -45.90 2.11 19.24
N GLY D 42 -46.18 2.26 17.94
CA GLY D 42 -47.27 3.07 17.47
C GLY D 42 -46.98 4.55 17.39
N GLN D 43 -45.77 4.98 17.74
CA GLN D 43 -45.37 6.38 17.72
C GLN D 43 -44.38 6.63 16.58
N GLY D 44 -43.98 7.88 16.45
CA GLY D 44 -43.05 8.29 15.41
C GLY D 44 -41.61 8.17 15.85
N LEU D 45 -40.72 8.70 15.00
CA LEU D 45 -39.29 8.66 15.24
C LEU D 45 -38.86 9.81 16.14
N GLU D 46 -37.78 9.58 16.88
CA GLU D 46 -37.32 10.56 17.85
C GLU D 46 -35.81 10.49 17.98
N TRP D 47 -35.15 11.62 17.78
CA TRP D 47 -33.69 11.67 17.77
C TRP D 47 -33.16 11.77 19.20
N ILE D 48 -32.23 10.88 19.54
CA ILE D 48 -31.63 10.85 20.88
C ILE D 48 -30.33 11.65 20.93
N GLY D 49 -29.41 11.37 20.02
CA GLY D 49 -28.13 12.02 20.02
C GLY D 49 -27.18 11.32 19.09
N TYR D 50 -25.96 11.86 19.00
CA TYR D 50 -24.94 11.29 18.14
C TYR D 50 -23.57 11.39 18.80
N ILE D 51 -22.68 10.51 18.36
CA ILE D 51 -21.27 10.54 18.73
C ILE D 51 -20.42 10.62 17.47
N ASN D 52 -19.30 11.33 17.58
CA ASN D 52 -18.32 11.37 16.51
C ASN D 52 -17.21 10.38 16.87
N PRO D 53 -17.17 9.19 16.26
CA PRO D 53 -16.18 8.20 16.68
C PRO D 53 -14.74 8.63 16.45
N SER D 54 -14.50 9.66 15.63
CA SER D 54 -13.13 10.12 15.42
C SER D 54 -12.56 10.79 16.66
N ASN D 55 -13.40 11.43 17.47
CA ASN D 55 -12.92 12.12 18.66
C ASN D 55 -13.87 11.98 19.85
N ASP D 56 -14.87 11.09 19.78
CA ASP D 56 -15.78 10.80 20.87
C ASP D 56 -16.59 12.03 21.29
N TYR D 57 -16.76 12.99 20.36
CA TYR D 57 -17.60 14.14 20.63
C TYR D 57 -19.07 13.73 20.60
N THR D 58 -19.82 14.13 21.62
CA THR D 58 -21.23 13.75 21.76
C THR D 58 -22.11 15.00 21.72
N SER D 59 -23.25 14.87 21.05
CA SER D 59 -24.32 15.85 21.10
C SER D 59 -25.61 15.12 21.44
N TYR D 60 -26.39 15.67 22.37
CA TYR D 60 -27.58 15.00 22.86
C TYR D 60 -28.82 15.87 22.68
N ASN D 61 -29.94 15.20 22.46
CA ASN D 61 -31.23 15.84 22.68
C ASN D 61 -31.37 16.15 24.17
N GLN D 62 -31.83 17.37 24.49
CA GLN D 62 -31.94 17.78 25.89
C GLN D 62 -32.83 16.84 26.68
N LYS D 63 -33.70 16.08 26.02
CA LYS D 63 -34.54 15.14 26.74
C LYS D 63 -33.74 13.92 27.19
N PHE D 64 -32.69 13.57 26.46
CA PHE D 64 -31.94 12.34 26.68
C PHE D 64 -30.53 12.56 27.23
N LYS D 65 -30.13 13.82 27.49
CA LYS D 65 -28.75 14.07 27.89
C LYS D 65 -28.41 13.43 29.22
N ASP D 66 -29.40 13.24 30.09
CA ASP D 66 -29.20 12.58 31.38
C ASP D 66 -29.72 11.15 31.39
N LYS D 67 -30.32 10.69 30.30
CA LYS D 67 -30.83 9.32 30.19
C LYS D 67 -29.91 8.42 29.37
N ALA D 68 -29.39 8.91 28.26
CA ALA D 68 -28.57 8.12 27.35
C ALA D 68 -27.11 8.56 27.44
N THR D 69 -26.21 7.60 27.19
CA THR D 69 -24.78 7.86 27.16
C THR D 69 -24.21 7.14 25.94
N LEU D 70 -23.52 7.88 25.08
CA LEU D 70 -23.00 7.36 23.82
C LEU D 70 -21.49 7.21 23.90
N THR D 71 -21.00 6.02 23.53
CA THR D 71 -19.59 5.72 23.45
C THR D 71 -19.28 5.05 22.12
N ALA D 72 -18.00 4.91 21.82
CA ALA D 72 -17.58 4.28 20.58
C ALA D 72 -16.23 3.62 20.77
N ASP D 73 -16.05 2.46 20.13
CA ASP D 73 -14.80 1.71 20.15
C ASP D 73 -14.26 1.64 18.73
N LYS D 74 -13.09 2.23 18.51
CA LYS D 74 -12.53 2.29 17.16
C LYS D 74 -12.01 0.93 16.71
N SER D 75 -11.44 0.16 17.65
CA SER D 75 -10.80 -1.10 17.27
C SER D 75 -11.80 -2.11 16.74
N SER D 76 -13.02 -2.13 17.27
CA SER D 76 -14.05 -3.06 16.82
C SER D 76 -15.09 -2.42 15.91
N SER D 77 -14.99 -1.11 15.69
CA SER D 77 -15.96 -0.37 14.87
C SER D 77 -17.38 -0.57 15.39
N THR D 78 -17.55 -0.34 16.68
CA THR D 78 -18.84 -0.56 17.35
C THR D 78 -19.22 0.68 18.13
N ALA D 79 -20.46 1.13 17.93
CA ALA D 79 -21.02 2.24 18.70
C ALA D 79 -21.97 1.69 19.76
N TYR D 80 -21.95 2.31 20.94
CA TYR D 80 -22.75 1.86 22.07
C TYR D 80 -23.65 2.99 22.57
N MET D 81 -24.87 2.64 22.97
CA MET D 81 -25.72 3.54 23.75
C MET D 81 -26.04 2.85 25.06
N GLN D 82 -25.91 3.57 26.17
CA GLN D 82 -26.30 3.08 27.48
C GLN D 82 -27.48 3.89 27.99
N LEU D 83 -28.54 3.19 28.40
CA LEU D 83 -29.72 3.81 28.99
C LEU D 83 -29.78 3.46 30.47
N SER D 84 -29.93 4.47 31.31
CA SER D 84 -29.86 4.31 32.76
C SER D 84 -31.22 4.54 33.40
N SER D 85 -31.44 3.85 34.52
CA SER D 85 -32.67 3.96 35.31
C SER D 85 -33.91 3.83 34.43
N LEU D 86 -34.10 2.62 33.91
CA LEU D 86 -35.12 2.39 32.91
C LEU D 86 -36.52 2.39 33.52
N THR D 87 -37.47 2.86 32.74
CA THR D 87 -38.89 2.87 33.07
C THR D 87 -39.67 2.27 31.91
N SER D 88 -40.99 2.13 32.09
CA SER D 88 -41.82 1.58 31.03
C SER D 88 -41.81 2.47 29.80
N GLU D 89 -41.58 3.77 29.97
CA GLU D 89 -41.52 4.69 28.85
C GLU D 89 -40.26 4.53 28.01
N ASP D 90 -39.26 3.79 28.50
CA ASP D 90 -38.07 3.51 27.73
C ASP D 90 -38.22 2.28 26.83
N SER D 91 -39.31 1.53 26.95
CA SER D 91 -39.57 0.41 26.06
C SER D 91 -39.90 0.93 24.67
N ALA D 92 -39.04 0.59 23.70
CA ALA D 92 -39.21 1.08 22.34
C ALA D 92 -38.23 0.33 21.44
N VAL D 93 -38.30 0.64 20.15
CA VAL D 93 -37.29 0.20 19.19
C VAL D 93 -36.24 1.29 19.07
N TYR D 94 -34.97 0.90 19.12
CA TYR D 94 -33.86 1.84 19.06
C TYR D 94 -33.00 1.51 17.83
N TYR D 95 -32.84 2.51 16.96
CA TYR D 95 -32.03 2.37 15.75
C TYR D 95 -30.72 3.10 15.91
N CYS D 96 -29.67 2.55 15.30
CA CYS D 96 -28.46 3.31 15.02
C CYS D 96 -28.45 3.66 13.54
N ALA D 97 -27.93 4.84 13.21
CA ALA D 97 -27.95 5.32 11.83
C ALA D 97 -26.66 6.07 11.54
N ARG D 98 -26.05 5.74 10.40
CA ARG D 98 -24.88 6.46 9.94
C ARG D 98 -25.29 7.77 9.29
N CYS D 99 -24.56 8.83 9.59
CA CYS D 99 -24.89 10.17 9.11
C CYS D 99 -23.82 10.64 8.14
N TRP D 100 -24.24 10.99 6.93
CA TRP D 100 -23.34 11.55 5.92
C TRP D 100 -23.26 13.06 6.10
N GLY D 101 -22.03 13.58 6.10
CA GLY D 101 -21.82 15.02 6.19
C GLY D 101 -21.04 15.39 7.44
N TYR D 102 -20.05 16.28 7.26
CA TYR D 102 -19.33 16.84 8.39
C TYR D 102 -20.29 17.47 9.38
N ASP D 103 -21.16 18.36 8.89
CA ASP D 103 -22.36 18.68 9.64
C ASP D 103 -23.47 17.72 9.24
N PRO D 104 -24.35 17.34 10.16
CA PRO D 104 -25.37 16.33 9.84
C PRO D 104 -26.31 16.80 8.74
N TYR D 105 -26.41 15.98 7.68
CA TYR D 105 -27.28 16.28 6.55
C TYR D 105 -28.38 15.23 6.36
N TYR D 106 -28.02 13.94 6.31
CA TYR D 106 -29.03 12.89 6.21
C TYR D 106 -28.42 11.55 6.60
N PHE D 107 -29.30 10.63 6.98
CA PHE D 107 -28.92 9.29 7.45
C PHE D 107 -29.02 8.32 6.28
N ASP D 108 -27.87 7.93 5.72
CA ASP D 108 -27.90 7.09 4.51
C ASP D 108 -28.15 5.62 4.83
N TYR D 109 -27.71 5.14 5.99
CA TYR D 109 -27.83 3.72 6.33
C TYR D 109 -28.38 3.56 7.74
N TRP D 110 -29.23 2.55 7.93
CA TRP D 110 -29.93 2.32 9.19
C TRP D 110 -29.66 0.91 9.69
N GLY D 111 -29.50 0.78 11.00
CA GLY D 111 -29.51 -0.53 11.61
C GLY D 111 -30.90 -1.13 11.63
N GLN D 112 -30.96 -2.44 11.87
CA GLN D 112 -32.25 -3.12 11.83
C GLN D 112 -33.11 -2.82 13.05
N GLY D 113 -32.52 -2.33 14.14
CA GLY D 113 -33.29 -1.96 15.31
C GLY D 113 -33.12 -2.95 16.44
N THR D 114 -33.07 -2.43 17.67
CA THR D 114 -32.98 -3.24 18.88
C THR D 114 -34.24 -3.00 19.71
N THR D 115 -35.05 -4.03 19.88
CA THR D 115 -36.26 -3.93 20.69
C THR D 115 -35.91 -4.04 22.17
N LEU D 116 -36.32 -3.05 22.95
CA LEU D 116 -36.12 -3.04 24.39
C LEU D 116 -37.49 -3.05 25.07
N THR D 117 -37.72 -4.03 25.92
CA THR D 117 -38.93 -4.12 26.73
C THR D 117 -38.53 -4.02 28.20
N VAL D 118 -39.11 -3.05 28.90
CA VAL D 118 -38.86 -2.86 30.32
C VAL D 118 -40.01 -3.46 31.10
N SER D 119 -39.70 -4.45 31.94
CA SER D 119 -40.71 -5.16 32.71
C SER D 119 -40.03 -5.88 33.86
N SER D 120 -40.70 -5.91 35.01
CA SER D 120 -40.19 -6.66 36.17
C SER D 120 -40.60 -8.13 36.12
N ALA D 121 -41.29 -8.57 35.09
CA ALA D 121 -41.77 -9.94 34.99
C ALA D 121 -40.69 -10.84 34.40
N SER D 122 -40.70 -12.10 34.82
CA SER D 122 -39.88 -13.14 34.24
C SER D 122 -40.72 -13.98 33.29
N THR D 123 -40.07 -14.96 32.66
CA THR D 123 -40.75 -15.78 31.66
C THR D 123 -41.95 -16.50 32.26
N THR D 124 -43.13 -16.23 31.70
CA THR D 124 -44.40 -16.71 32.24
C THR D 124 -45.22 -17.34 31.12
N PRO D 125 -45.72 -18.56 31.30
CA PRO D 125 -46.55 -19.19 30.26
C PRO D 125 -47.91 -18.54 30.18
N PRO D 126 -48.59 -18.62 29.05
CA PRO D 126 -49.89 -17.96 28.89
C PRO D 126 -51.05 -18.81 29.39
N SER D 127 -52.11 -18.09 29.76
CA SER D 127 -53.42 -18.70 30.04
C SER D 127 -54.31 -18.47 28.84
N VAL D 128 -54.93 -19.53 28.33
CA VAL D 128 -55.76 -19.48 27.14
C VAL D 128 -57.22 -19.65 27.56
N TYR D 129 -58.05 -18.66 27.24
CA TYR D 129 -59.44 -18.66 27.61
C TYR D 129 -60.32 -18.61 26.37
N PRO D 130 -61.31 -19.49 26.24
CA PRO D 130 -62.16 -19.47 25.06
C PRO D 130 -63.18 -18.33 25.11
N LEU D 131 -63.56 -17.87 23.93
CA LEU D 131 -64.56 -16.81 23.79
C LEU D 131 -65.70 -17.36 22.93
N ALA D 132 -66.79 -17.75 23.58
CA ALA D 132 -67.99 -18.23 22.93
C ALA D 132 -69.15 -17.29 23.20
N PRO D 133 -70.08 -17.15 22.25
CA PRO D 133 -71.21 -16.23 22.46
C PRO D 133 -72.13 -16.73 23.57
N GLY D 134 -72.86 -15.78 24.15
CA GLY D 134 -73.76 -16.08 25.25
C GLY D 134 -74.98 -16.90 24.84
N SER D 141 -76.28 -16.29 10.45
CA SER D 141 -75.60 -16.78 9.26
C SER D 141 -74.14 -17.08 9.57
N MET D 142 -73.43 -16.09 10.09
CA MET D 142 -72.04 -16.24 10.50
C MET D 142 -71.94 -16.11 12.02
N VAL D 143 -70.95 -16.78 12.60
CA VAL D 143 -70.69 -16.72 14.03
C VAL D 143 -69.22 -16.42 14.24
N THR D 144 -68.95 -15.52 15.19
CA THR D 144 -67.58 -15.13 15.51
C THR D 144 -67.19 -15.79 16.83
N LEU D 145 -66.13 -16.57 16.80
CA LEU D 145 -65.54 -17.15 17.99
C LEU D 145 -64.24 -16.43 18.31
N GLY D 146 -63.71 -16.68 19.51
CA GLY D 146 -62.55 -15.95 19.95
C GLY D 146 -61.65 -16.77 20.85
N CYS D 147 -60.49 -16.17 21.15
CA CYS D 147 -59.46 -16.81 21.95
C CYS D 147 -58.70 -15.72 22.70
N LEU D 148 -58.67 -15.81 24.03
CA LEU D 148 -58.01 -14.81 24.87
C LEU D 148 -56.73 -15.42 25.43
N VAL D 149 -55.59 -14.89 25.01
CA VAL D 149 -54.28 -15.31 25.50
C VAL D 149 -53.83 -14.25 26.49
N LYS D 150 -53.71 -14.62 27.76
CA LYS D 150 -53.57 -13.65 28.83
C LYS D 150 -52.48 -14.06 29.81
N GLY D 151 -51.67 -13.07 30.22
CA GLY D 151 -50.75 -13.28 31.32
C GLY D 151 -49.42 -13.91 30.98
N TYR D 152 -48.91 -13.69 29.77
CA TYR D 152 -47.65 -14.30 29.34
C TYR D 152 -46.55 -13.25 29.21
N PHE D 153 -45.31 -13.73 29.26
CA PHE D 153 -44.14 -12.88 29.06
C PHE D 153 -42.97 -13.77 28.72
N PRO D 154 -42.13 -13.39 27.74
CA PRO D 154 -42.22 -12.20 26.90
C PRO D 154 -42.93 -12.50 25.57
N GLU D 155 -42.96 -11.52 24.68
CA GLU D 155 -43.45 -11.77 23.34
C GLU D 155 -42.47 -12.68 22.59
N PRO D 156 -42.95 -13.42 21.58
CA PRO D 156 -44.32 -13.45 21.05
C PRO D 156 -45.07 -14.74 21.40
N VAL D 157 -46.38 -14.74 21.17
CA VAL D 157 -47.17 -15.95 21.07
C VAL D 157 -47.77 -16.00 19.68
N THR D 158 -47.84 -17.19 19.10
CA THR D 158 -48.46 -17.39 17.81
C THR D 158 -49.81 -18.08 18.02
N VAL D 159 -50.82 -17.64 17.27
CA VAL D 159 -52.17 -18.18 17.39
C VAL D 159 -52.61 -18.65 16.01
N THR D 160 -53.01 -19.92 15.92
CA THR D 160 -53.64 -20.48 14.73
C THR D 160 -54.98 -21.06 15.11
N TRP D 161 -55.78 -21.38 14.08
CA TRP D 161 -57.11 -21.94 14.27
C TRP D 161 -57.20 -23.23 13.47
N ASN D 162 -57.55 -24.32 14.17
CA ASN D 162 -57.66 -25.64 13.55
C ASN D 162 -56.38 -26.01 12.79
N SER D 163 -55.23 -25.69 13.39
CA SER D 163 -53.92 -26.02 12.83
C SER D 163 -53.74 -25.45 11.43
N GLY D 164 -54.21 -24.22 11.22
CA GLY D 164 -54.08 -23.55 9.94
C GLY D 164 -55.18 -23.81 8.94
N SER D 165 -56.08 -24.75 9.23
CA SER D 165 -57.20 -25.00 8.33
C SER D 165 -58.13 -23.79 8.26
N LEU D 166 -58.20 -23.00 9.32
CA LEU D 166 -58.96 -21.75 9.34
C LEU D 166 -57.95 -20.60 9.23
N SER D 167 -57.89 -20.00 8.05
CA SER D 167 -57.04 -18.84 7.80
C SER D 167 -57.83 -17.60 7.42
N SER D 168 -58.87 -17.75 6.60
CA SER D 168 -59.73 -16.61 6.28
C SER D 168 -60.64 -16.30 7.46
N GLY D 169 -60.98 -15.02 7.60
CA GLY D 169 -61.83 -14.60 8.69
C GLY D 169 -61.17 -14.65 10.06
N VAL D 170 -59.84 -14.56 10.11
CA VAL D 170 -59.09 -14.59 11.36
C VAL D 170 -58.48 -13.21 11.59
N HIS D 171 -58.69 -12.67 12.78
CA HIS D 171 -58.05 -11.43 13.22
C HIS D 171 -57.31 -11.71 14.53
N THR D 172 -56.00 -11.58 14.49
CA THR D 172 -55.17 -11.66 15.70
C THR D 172 -54.67 -10.26 16.02
N PHE D 173 -54.97 -9.81 17.21
CA PHE D 173 -54.73 -8.43 17.60
C PHE D 173 -53.39 -8.30 18.35
N PRO D 174 -52.72 -7.16 18.17
CA PRO D 174 -51.43 -6.96 18.85
C PRO D 174 -51.58 -7.03 20.37
N ALA D 175 -50.59 -7.64 21.01
CA ALA D 175 -50.62 -7.79 22.46
C ALA D 175 -50.48 -6.44 23.14
N VAL D 176 -51.23 -6.27 24.23
CA VAL D 176 -51.12 -5.11 25.10
C VAL D 176 -50.39 -5.53 26.36
N LEU D 177 -49.58 -4.62 26.90
CA LEU D 177 -48.76 -4.89 28.08
C LEU D 177 -49.34 -4.11 29.25
N GLN D 178 -49.91 -4.82 30.22
CA GLN D 178 -50.45 -4.22 31.42
C GLN D 178 -50.13 -5.13 32.60
N SER D 179 -49.82 -4.51 33.74
CA SER D 179 -49.41 -5.23 34.95
C SER D 179 -48.22 -6.15 34.67
N ASP D 180 -47.28 -5.66 33.84
CA ASP D 180 -46.02 -6.29 33.47
C ASP D 180 -46.21 -7.54 32.60
N LEU D 181 -47.43 -7.94 32.28
CA LEU D 181 -47.68 -9.14 31.49
C LEU D 181 -48.45 -8.79 30.22
N TYR D 182 -48.35 -9.68 29.24
CA TYR D 182 -48.96 -9.46 27.93
C TYR D 182 -50.33 -10.11 27.85
N THR D 183 -51.19 -9.51 27.03
CA THR D 183 -52.51 -10.07 26.74
C THR D 183 -52.86 -9.75 25.30
N LEU D 184 -53.26 -10.77 24.55
CA LEU D 184 -53.78 -10.57 23.20
C LEU D 184 -54.98 -11.49 22.99
N SER D 185 -55.78 -11.15 21.99
CA SER D 185 -56.95 -11.92 21.62
C SER D 185 -56.92 -12.21 20.13
N SER D 186 -57.66 -13.25 19.74
CA SER D 186 -57.78 -13.63 18.34
C SER D 186 -59.23 -14.03 18.07
N SER D 187 -59.79 -13.52 16.98
CA SER D 187 -61.15 -13.84 16.59
C SER D 187 -61.15 -14.61 15.28
N VAL D 188 -62.15 -15.48 15.13
CA VAL D 188 -62.35 -16.24 13.90
C VAL D 188 -63.85 -16.27 13.60
N THR D 189 -64.20 -16.11 12.33
CA THR D 189 -65.59 -16.07 11.90
C THR D 189 -65.84 -17.23 10.95
N VAL D 190 -66.80 -18.08 11.31
CA VAL D 190 -67.16 -19.25 10.51
C VAL D 190 -68.67 -19.24 10.30
N PRO D 191 -69.16 -19.97 9.30
CA PRO D 191 -70.62 -20.07 9.12
C PRO D 191 -71.28 -20.78 10.30
N SER D 192 -72.49 -20.34 10.64
CA SER D 192 -73.23 -20.96 11.73
C SER D 192 -73.57 -22.42 11.43
N SER D 193 -73.56 -22.82 10.17
CA SER D 193 -73.81 -24.22 9.80
C SER D 193 -72.61 -25.11 10.10
N THR D 194 -71.48 -24.54 10.49
CA THR D 194 -70.28 -25.31 10.77
C THR D 194 -69.89 -25.33 12.25
N TRP D 195 -70.39 -24.39 13.05
CA TRP D 195 -70.13 -24.41 14.48
C TRP D 195 -71.43 -24.25 15.23
N PRO D 196 -71.66 -25.03 16.29
CA PRO D 196 -70.75 -26.03 16.89
C PRO D 196 -70.84 -27.41 16.25
N SER D 197 -71.35 -27.52 15.02
CA SER D 197 -71.45 -28.84 14.39
C SER D 197 -70.07 -29.42 14.12
N GLU D 198 -69.11 -28.58 13.76
CA GLU D 198 -67.71 -28.97 13.64
C GLU D 198 -66.88 -28.25 14.71
N THR D 199 -65.75 -28.86 15.06
CA THR D 199 -64.93 -28.33 16.14
C THR D 199 -64.12 -27.13 15.65
N VAL D 200 -63.98 -26.14 16.52
CA VAL D 200 -63.14 -24.97 16.29
C VAL D 200 -62.17 -24.89 17.46
N THR D 201 -60.88 -25.08 17.18
CA THR D 201 -59.86 -25.17 18.21
C THR D 201 -58.84 -24.04 18.03
N CYS D 202 -58.47 -23.42 19.14
CA CYS D 202 -57.47 -22.38 19.18
C CYS D 202 -56.13 -22.98 19.56
N ASN D 203 -55.11 -22.75 18.74
CA ASN D 203 -53.77 -23.30 18.96
C ASN D 203 -52.82 -22.15 19.28
N VAL D 204 -52.37 -22.10 20.54
CA VAL D 204 -51.49 -21.04 21.02
C VAL D 204 -50.12 -21.64 21.31
N ALA D 205 -49.07 -20.95 20.89
CA ALA D 205 -47.70 -21.37 21.11
C ALA D 205 -46.92 -20.25 21.76
N HIS D 206 -46.22 -20.57 22.85
CA HIS D 206 -45.34 -19.63 23.55
C HIS D 206 -43.95 -20.26 23.62
N PRO D 207 -43.11 -20.04 22.61
CA PRO D 207 -41.80 -20.72 22.59
C PRO D 207 -40.89 -20.34 23.74
N ALA D 208 -41.05 -19.16 24.33
CA ALA D 208 -40.18 -18.76 25.44
C ALA D 208 -40.37 -19.70 26.64
N SER D 209 -41.60 -20.13 26.89
CA SER D 209 -41.88 -21.06 27.97
C SER D 209 -42.03 -22.49 27.49
N SER D 210 -41.79 -22.76 26.21
CA SER D 210 -41.87 -24.11 25.63
C SER D 210 -43.25 -24.72 25.86
N THR D 211 -44.29 -23.94 25.58
CA THR D 211 -45.67 -24.36 25.80
C THR D 211 -46.45 -24.29 24.50
N LYS D 212 -47.28 -25.31 24.28
CA LYS D 212 -48.29 -25.31 23.24
C LYS D 212 -49.63 -25.65 23.88
N VAL D 213 -50.64 -24.83 23.63
CA VAL D 213 -51.97 -25.01 24.20
C VAL D 213 -52.97 -25.10 23.06
N ASP D 214 -53.85 -26.12 23.13
CA ASP D 214 -54.95 -26.28 22.20
C ASP D 214 -56.25 -26.11 22.98
N LYS D 215 -57.05 -25.11 22.58
CA LYS D 215 -58.29 -24.78 23.30
C LYS D 215 -59.47 -24.94 22.36
N LYS D 216 -60.30 -25.96 22.61
CA LYS D 216 -61.52 -26.16 21.85
C LYS D 216 -62.59 -25.17 22.32
N ILE D 217 -63.19 -24.46 21.37
CA ILE D 217 -64.24 -23.50 21.67
C ILE D 217 -65.56 -24.25 21.81
N VAL D 218 -66.13 -24.23 23.02
CA VAL D 218 -67.31 -25.01 23.34
C VAL D 218 -68.47 -24.06 23.62
N PRO D 219 -69.69 -24.36 23.15
CA PRO D 219 -70.83 -23.48 23.43
C PRO D 219 -71.12 -23.37 24.92
N ARG D 220 -71.68 -22.23 25.31
CA ARG D 220 -72.03 -21.98 26.70
C ARG D 220 -73.37 -22.62 27.05
N ASP E 1 -35.12 25.04 20.99
CA ASP E 1 -35.02 23.96 20.02
C ASP E 1 -36.02 24.13 18.88
N ILE E 2 -35.71 23.54 17.73
CA ILE E 2 -36.57 23.65 16.57
C ILE E 2 -37.67 22.60 16.64
N VAL E 3 -38.91 23.04 16.46
CA VAL E 3 -40.08 22.17 16.53
C VAL E 3 -40.61 21.94 15.12
N MET E 4 -41.01 20.70 14.84
CA MET E 4 -41.43 20.31 13.50
C MET E 4 -42.88 19.83 13.54
N SER E 5 -43.66 20.21 12.53
CA SER E 5 -45.06 19.86 12.42
C SER E 5 -45.36 19.37 11.02
N GLN E 6 -46.15 18.29 10.92
CA GLN E 6 -46.53 17.70 9.65
C GLN E 6 -48.04 17.63 9.53
N SER E 7 -48.55 17.88 8.33
CA SER E 7 -49.98 17.82 8.06
C SER E 7 -50.22 17.13 6.72
N PRO E 8 -51.20 16.22 6.66
CA PRO E 8 -52.08 15.77 7.74
C PRO E 8 -51.45 14.59 8.49
N SER E 9 -52.02 14.17 9.62
CA SER E 9 -51.51 12.99 10.30
C SER E 9 -51.83 11.73 9.52
N LEU E 10 -52.94 11.73 8.78
CA LEU E 10 -53.36 10.55 8.03
C LEU E 10 -54.06 11.02 6.76
N LEU E 11 -53.82 10.31 5.66
CA LEU E 11 -54.39 10.66 4.37
C LEU E 11 -54.82 9.38 3.66
N ALA E 12 -56.09 9.32 3.28
CA ALA E 12 -56.60 8.18 2.52
C ALA E 12 -56.32 8.40 1.04
N VAL E 13 -55.73 7.41 0.39
CA VAL E 13 -55.20 7.54 -0.96
C VAL E 13 -55.71 6.38 -1.81
N SER E 14 -56.14 6.69 -3.03
CA SER E 14 -56.52 5.68 -4.00
C SER E 14 -55.41 5.50 -5.03
N ALA E 15 -55.58 4.49 -5.89
CA ALA E 15 -54.52 4.10 -6.82
C ALA E 15 -54.30 5.16 -7.89
N GLY E 16 -53.03 5.49 -8.13
CA GLY E 16 -52.64 6.35 -9.22
C GLY E 16 -52.86 7.83 -9.02
N GLU E 17 -53.32 8.25 -7.84
CA GLU E 17 -53.61 9.66 -7.62
C GLU E 17 -52.35 10.42 -7.24
N LYS E 18 -52.45 11.75 -7.27
CA LYS E 18 -51.39 12.63 -6.79
C LYS E 18 -51.55 12.86 -5.30
N VAL E 19 -50.43 12.87 -4.58
CA VAL E 19 -50.42 12.98 -3.12
C VAL E 19 -49.42 14.05 -2.71
N THR E 20 -49.85 14.97 -1.85
CA THR E 20 -48.98 15.98 -1.28
C THR E 20 -49.11 15.96 0.24
N MET E 21 -47.99 16.13 0.92
CA MET E 21 -47.96 16.23 2.38
C MET E 21 -47.07 17.40 2.78
N SER E 22 -47.43 18.04 3.89
CA SER E 22 -46.79 19.28 4.32
C SER E 22 -45.90 19.05 5.53
N CYS E 23 -44.99 20.00 5.74
CA CYS E 23 -44.03 19.93 6.83
C CYS E 23 -43.58 21.34 7.17
N LYS E 24 -43.62 21.70 8.45
CA LYS E 24 -43.37 23.06 8.89
C LYS E 24 -42.41 23.05 10.07
N SER E 25 -41.58 24.09 10.15
CA SER E 25 -40.61 24.24 11.23
C SER E 25 -40.82 25.58 11.93
N SER E 26 -40.43 25.63 13.21
CA SER E 26 -40.57 26.84 14.01
C SER E 26 -39.44 27.84 13.79
N GLN E 27 -38.43 27.48 13.02
CA GLN E 27 -37.28 28.35 12.80
C GLN E 27 -36.69 28.03 11.43
N SER E 28 -36.13 29.05 10.78
CA SER E 28 -35.58 28.90 9.45
C SER E 28 -34.50 27.83 9.42
N LEU E 29 -34.65 26.87 8.49
CA LEU E 29 -33.67 25.83 8.27
C LEU E 29 -32.66 26.21 7.20
N LEU E 30 -32.78 27.39 6.61
CA LEU E 30 -31.89 27.82 5.53
C LEU E 30 -30.57 28.29 6.10
N ASN E 31 -29.48 27.69 5.62
CA ASN E 31 -28.12 28.15 5.93
C ASN E 31 -27.64 28.94 4.72
N SER E 32 -27.69 30.27 4.84
CA SER E 32 -27.41 31.14 3.70
C SER E 32 -25.99 30.99 3.19
N ARG E 33 -25.06 30.56 4.06
CA ARG E 33 -23.68 30.38 3.62
C ARG E 33 -23.53 29.21 2.66
N THR E 34 -24.52 28.33 2.58
CA THR E 34 -24.50 27.23 1.63
C THR E 34 -25.76 27.15 0.76
N ARG E 35 -26.73 28.05 0.97
CA ARG E 35 -27.95 28.12 0.17
C ARG E 35 -28.75 26.82 0.19
N LYS E 36 -28.55 25.99 1.22
CA LYS E 36 -29.21 24.70 1.32
C LYS E 36 -30.12 24.67 2.55
N ASN E 37 -31.28 24.05 2.39
CA ASN E 37 -32.23 23.87 3.47
C ASN E 37 -31.95 22.54 4.16
N TYR E 38 -31.53 22.59 5.43
CA TYR E 38 -31.18 21.38 6.17
C TYR E 38 -32.47 20.69 6.61
N LEU E 39 -33.08 19.98 5.65
CA LEU E 39 -34.28 19.21 5.92
C LEU E 39 -34.30 17.99 5.02
N ALA E 40 -34.65 16.83 5.59
CA ALA E 40 -34.70 15.58 4.85
C ALA E 40 -36.03 14.87 5.11
N TRP E 41 -36.40 14.00 4.18
CA TRP E 41 -37.62 13.22 4.28
C TRP E 41 -37.26 11.74 4.37
N TYR E 42 -38.06 10.99 5.13
CA TYR E 42 -37.83 9.56 5.31
C TYR E 42 -39.14 8.80 5.18
N GLN E 43 -39.06 7.61 4.60
CA GLN E 43 -40.19 6.70 4.49
C GLN E 43 -39.94 5.49 5.37
N GLN E 44 -40.99 5.02 6.05
CA GLN E 44 -40.89 3.85 6.91
C GLN E 44 -42.11 2.98 6.70
N LYS E 45 -41.88 1.73 6.30
CA LYS E 45 -42.92 0.73 6.14
C LYS E 45 -43.11 -0.04 7.44
N PRO E 46 -44.25 -0.72 7.60
CA PRO E 46 -44.48 -1.49 8.83
C PRO E 46 -43.41 -2.55 9.05
N GLY E 47 -42.77 -2.49 10.21
CA GLY E 47 -41.75 -3.46 10.57
C GLY E 47 -40.41 -3.27 9.90
N GLN E 48 -40.18 -2.13 9.25
CA GLN E 48 -38.93 -1.86 8.56
C GLN E 48 -38.25 -0.64 9.18
N SER E 49 -36.94 -0.54 8.94
CA SER E 49 -36.22 0.67 9.31
C SER E 49 -36.55 1.79 8.33
N PRO E 50 -36.44 3.05 8.76
CA PRO E 50 -36.71 4.16 7.85
C PRO E 50 -35.71 4.21 6.71
N LYS E 51 -36.11 4.86 5.62
CA LYS E 51 -35.28 5.02 4.44
C LYS E 51 -35.42 6.43 3.90
N VAL E 52 -34.33 6.93 3.31
CA VAL E 52 -34.34 8.29 2.81
C VAL E 52 -35.14 8.38 1.52
N LEU E 53 -35.81 9.52 1.34
CA LEU E 53 -36.40 9.89 0.06
C LEU E 53 -35.74 11.12 -0.54
N ILE E 54 -35.65 12.19 0.25
CA ILE E 54 -35.10 13.47 -0.20
C ILE E 54 -34.35 14.10 0.97
N TYR E 55 -33.18 14.65 0.68
CA TYR E 55 -32.42 15.46 1.63
C TYR E 55 -32.14 16.81 1.00
N TRP E 56 -31.74 17.76 1.87
CA TRP E 56 -31.57 19.16 1.46
C TRP E 56 -32.85 19.69 0.82
N ALA E 57 -34.00 19.26 1.36
CA ALA E 57 -35.33 19.73 0.98
C ALA E 57 -35.76 19.30 -0.42
N SER E 58 -34.81 19.18 -1.35
CA SER E 58 -35.19 18.92 -2.74
C SER E 58 -34.35 17.87 -3.47
N THR E 59 -33.23 17.42 -2.91
CA THR E 59 -32.37 16.47 -3.61
C THR E 59 -32.87 15.05 -3.38
N ARG E 60 -33.24 14.37 -4.45
CA ARG E 60 -33.67 12.99 -4.37
C ARG E 60 -32.49 12.05 -4.23
N GLU E 61 -32.63 11.05 -3.36
CA GLU E 61 -31.59 10.06 -3.15
C GLU E 61 -31.61 9.02 -4.28
N SER E 62 -30.47 8.37 -4.48
CA SER E 62 -30.35 7.34 -5.51
C SER E 62 -31.34 6.21 -5.26
N GLY E 63 -31.91 5.69 -6.34
CA GLY E 63 -32.80 4.56 -6.28
C GLY E 63 -34.27 4.91 -6.04
N VAL E 64 -34.56 6.09 -5.53
CA VAL E 64 -35.95 6.48 -5.25
C VAL E 64 -36.70 6.65 -6.57
N PRO E 65 -37.91 6.10 -6.72
CA PRO E 65 -38.64 6.21 -7.98
C PRO E 65 -38.94 7.65 -8.35
N ASP E 66 -39.22 7.86 -9.63
CA ASP E 66 -39.37 9.23 -10.11
C ASP E 66 -40.67 9.91 -9.69
N ARG E 67 -41.57 9.16 -9.04
CA ARG E 67 -42.89 9.71 -8.63
C ARG E 67 -42.74 10.59 -7.38
N PHE E 68 -41.62 10.49 -6.67
CA PHE E 68 -41.40 11.26 -5.44
C PHE E 68 -40.65 12.53 -5.76
N THR E 69 -41.20 13.67 -5.32
CA THR E 69 -40.55 14.97 -5.47
C THR E 69 -40.74 15.77 -4.18
N GLY E 70 -39.72 16.54 -3.82
CA GLY E 70 -39.75 17.35 -2.63
C GLY E 70 -39.48 18.81 -2.97
N SER E 71 -40.00 19.70 -2.12
CA SER E 71 -39.89 21.13 -2.36
C SER E 71 -40.02 21.86 -1.02
N GLY E 72 -39.79 23.16 -1.06
CA GLY E 72 -39.93 24.02 0.09
C GLY E 72 -38.69 24.87 0.32
N SER E 73 -38.86 25.85 1.21
CA SER E 73 -37.76 26.74 1.57
C SER E 73 -38.07 27.41 2.89
N GLY E 74 -37.01 27.66 3.67
CA GLY E 74 -37.13 28.39 4.91
C GLY E 74 -37.79 27.62 6.04
N THR E 75 -39.12 27.71 6.13
CA THR E 75 -39.86 27.07 7.20
C THR E 75 -41.02 26.21 6.73
N ASP E 76 -41.41 26.28 5.46
CA ASP E 76 -42.52 25.50 4.93
C ASP E 76 -42.01 24.58 3.84
N PHE E 77 -42.35 23.29 3.94
CA PHE E 77 -41.85 22.28 3.02
C PHE E 77 -42.97 21.34 2.62
N THR E 78 -42.81 20.71 1.47
CA THR E 78 -43.83 19.84 0.90
C THR E 78 -43.19 18.66 0.21
N LEU E 79 -43.77 17.48 0.40
CA LEU E 79 -43.40 16.27 -0.32
C LEU E 79 -44.54 15.85 -1.24
N THR E 80 -44.21 15.41 -2.44
CA THR E 80 -45.20 15.13 -3.47
C THR E 80 -44.95 13.75 -4.08
N ILE E 81 -46.04 13.00 -4.25
CA ILE E 81 -46.03 11.74 -5.00
C ILE E 81 -46.85 11.97 -6.27
N SER E 82 -46.17 11.87 -7.42
CA SER E 82 -46.82 12.20 -8.68
C SER E 82 -47.97 11.25 -9.00
N SER E 83 -47.69 9.94 -8.90
CA SER E 83 -48.75 8.91 -9.09
C SER E 83 -48.60 7.88 -7.99
N VAL E 84 -49.37 8.03 -6.90
CA VAL E 84 -49.22 7.11 -5.72
C VAL E 84 -49.33 5.65 -6.17
N GLN E 85 -48.56 4.76 -5.55
CA GLN E 85 -48.61 3.31 -5.88
C GLN E 85 -48.85 2.53 -4.59
N ALA E 86 -49.24 1.25 -4.70
CA ALA E 86 -49.52 0.43 -3.51
C ALA E 86 -48.29 0.40 -2.60
N GLU E 87 -47.09 0.32 -3.19
CA GLU E 87 -45.84 0.26 -2.40
C GLU E 87 -45.71 1.53 -1.55
N ASP E 88 -46.23 2.65 -2.04
CA ASP E 88 -46.07 3.95 -1.31
C ASP E 88 -46.66 3.82 0.09
N LEU E 89 -47.78 3.09 0.24
CA LEU E 89 -48.45 2.95 1.56
C LEU E 89 -47.40 2.83 2.68
N ALA E 90 -47.24 3.87 3.48
CA ALA E 90 -46.28 3.86 4.58
C ALA E 90 -46.44 5.16 5.37
N VAL E 91 -45.53 5.39 6.32
CA VAL E 91 -45.49 6.62 7.10
C VAL E 91 -44.28 7.44 6.66
N TYR E 92 -44.48 8.74 6.48
CA TYR E 92 -43.47 9.62 5.91
C TYR E 92 -43.12 10.70 6.94
N TYR E 93 -41.85 10.74 7.33
CA TYR E 93 -41.36 11.70 8.31
C TYR E 93 -40.45 12.71 7.64
N CYS E 94 -40.57 13.98 8.04
CA CYS E 94 -39.60 15.00 7.69
C CYS E 94 -38.73 15.30 8.91
N LYS E 95 -37.50 15.73 8.66
CA LYS E 95 -36.55 15.90 9.75
C LYS E 95 -35.62 17.06 9.42
N GLN E 96 -35.36 17.90 10.42
CA GLN E 96 -34.45 19.03 10.28
C GLN E 96 -33.10 18.70 10.90
N SER E 97 -32.09 19.48 10.49
CA SER E 97 -30.77 19.36 11.11
C SER E 97 -30.01 20.69 11.13
N TYR E 98 -30.70 21.83 11.08
CA TYR E 98 -30.02 23.11 11.16
C TYR E 98 -29.43 23.33 12.54
N ASN E 99 -30.18 23.01 13.59
CA ASN E 99 -29.71 23.09 14.96
C ASN E 99 -30.16 21.82 15.66
N LEU E 100 -29.21 20.97 16.04
CA LEU E 100 -29.48 19.62 16.55
C LEU E 100 -30.25 18.88 15.46
N LEU E 101 -31.13 17.96 15.85
CA LEU E 101 -31.96 17.23 14.89
C LEU E 101 -33.32 16.99 15.49
N THR E 102 -34.36 17.10 14.67
CA THR E 102 -35.72 16.91 15.13
C THR E 102 -36.54 16.23 14.04
N PHE E 103 -37.21 15.14 14.41
CA PHE E 103 -38.14 14.47 13.51
C PHE E 103 -39.54 15.04 13.66
N GLY E 104 -40.33 14.92 12.58
CA GLY E 104 -41.73 15.30 12.63
C GLY E 104 -42.59 14.17 13.17
N ALA E 105 -43.87 14.48 13.34
CA ALA E 105 -44.80 13.48 13.86
C ALA E 105 -45.09 12.40 12.82
N GLY E 106 -44.99 12.73 11.55
CA GLY E 106 -45.17 11.76 10.50
C GLY E 106 -46.56 11.83 9.87
N THR E 107 -46.62 11.50 8.58
CA THR E 107 -47.87 11.43 7.83
C THR E 107 -48.05 10.01 7.35
N LYS E 108 -49.16 9.39 7.73
CA LYS E 108 -49.46 8.01 7.36
C LYS E 108 -50.36 7.97 6.14
N LEU E 109 -50.02 7.12 5.18
CA LEU E 109 -50.84 6.90 4.00
C LEU E 109 -51.58 5.58 4.12
N GLU E 110 -52.89 5.62 3.85
CA GLU E 110 -53.73 4.44 3.86
C GLU E 110 -54.53 4.39 2.57
N LEU E 111 -54.93 3.18 2.17
CA LEU E 111 -55.70 3.01 0.95
C LEU E 111 -57.16 3.37 1.20
N LYS E 112 -57.71 4.22 0.34
CA LYS E 112 -59.12 4.57 0.44
C LYS E 112 -60.00 3.41 0.02
N ARG E 113 -61.14 3.26 0.69
CA ARG E 113 -62.14 2.28 0.30
C ARG E 113 -63.50 2.78 0.78
N ALA E 114 -64.56 2.10 0.33
CA ALA E 114 -65.90 2.47 0.74
C ALA E 114 -66.07 2.26 2.24
N ASP E 115 -66.85 3.15 2.86
CA ASP E 115 -67.10 3.05 4.29
C ASP E 115 -67.79 1.74 4.62
N ALA E 116 -67.44 1.17 5.78
CA ALA E 116 -67.97 -0.12 6.19
C ALA E 116 -68.29 -0.08 7.68
N ALA E 117 -69.44 -0.63 8.04
CA ALA E 117 -69.83 -0.73 9.43
C ALA E 117 -69.06 -1.84 10.13
N PRO E 118 -68.75 -1.66 11.41
CA PRO E 118 -68.08 -2.73 12.16
C PRO E 118 -69.03 -3.85 12.52
N THR E 119 -68.49 -5.07 12.52
CA THR E 119 -69.22 -6.24 12.98
C THR E 119 -68.86 -6.46 14.44
N VAL E 120 -69.78 -6.15 15.34
CA VAL E 120 -69.51 -6.10 16.78
C VAL E 120 -69.96 -7.41 17.41
N SER E 121 -69.07 -8.02 18.18
CA SER E 121 -69.36 -9.24 18.91
C SER E 121 -68.89 -9.08 20.35
N ILE E 122 -69.74 -9.43 21.30
CA ILE E 122 -69.41 -9.34 22.72
C ILE E 122 -69.35 -10.76 23.28
N PHE E 123 -68.44 -10.96 24.25
CA PHE E 123 -68.21 -12.28 24.80
C PHE E 123 -68.09 -12.18 26.32
N PRO E 124 -68.85 -12.97 27.06
CA PRO E 124 -68.71 -13.01 28.52
C PRO E 124 -67.41 -13.68 28.92
N PRO E 125 -66.94 -13.48 30.15
CA PRO E 125 -65.73 -14.18 30.60
C PRO E 125 -65.94 -15.68 30.60
N SER E 126 -64.90 -16.42 30.24
CA SER E 126 -64.95 -17.86 30.30
C SER E 126 -64.97 -18.32 31.76
N SER E 127 -65.55 -19.51 31.99
CA SER E 127 -65.61 -20.05 33.34
C SER E 127 -64.21 -20.35 33.87
N GLU E 128 -63.26 -20.65 32.99
CA GLU E 128 -61.90 -20.95 33.44
C GLU E 128 -61.21 -19.70 33.98
N GLN E 129 -61.49 -18.53 33.41
CA GLN E 129 -60.84 -17.31 33.88
C GLN E 129 -61.34 -16.90 35.26
N LEU E 130 -62.63 -17.13 35.54
CA LEU E 130 -63.18 -16.78 36.85
C LEU E 130 -62.54 -17.56 37.98
N THR E 131 -61.98 -18.74 37.68
CA THR E 131 -61.26 -19.50 38.70
C THR E 131 -59.95 -18.85 39.09
N SER E 132 -59.40 -17.99 38.24
CA SER E 132 -58.17 -17.27 38.54
C SER E 132 -58.42 -15.96 39.29
N GLY E 133 -59.68 -15.63 39.58
CA GLY E 133 -60.01 -14.41 40.27
C GLY E 133 -60.30 -13.22 39.38
N GLY E 134 -60.04 -13.33 38.08
CA GLY E 134 -60.28 -12.22 37.17
C GLY E 134 -61.37 -12.51 36.15
N ALA E 135 -61.90 -11.45 35.55
CA ALA E 135 -62.93 -11.57 34.53
C ALA E 135 -62.68 -10.53 33.45
N SER E 136 -62.66 -10.99 32.19
CA SER E 136 -62.42 -10.12 31.05
C SER E 136 -63.61 -10.22 30.09
N VAL E 137 -64.25 -9.10 29.81
CA VAL E 137 -65.32 -9.01 28.83
C VAL E 137 -64.71 -8.50 27.53
N VAL E 138 -64.76 -9.31 26.49
CA VAL E 138 -64.11 -9.01 25.22
C VAL E 138 -65.17 -8.54 24.23
N CYS E 139 -64.85 -7.46 23.51
CA CYS E 139 -65.68 -6.96 22.43
C CYS E 139 -64.84 -6.84 21.17
N PHE E 140 -65.23 -7.55 20.12
CA PHE E 140 -64.58 -7.47 18.83
C PHE E 140 -65.33 -6.51 17.93
N LEU E 141 -64.58 -5.69 17.18
CA LEU E 141 -65.12 -4.72 16.24
C LEU E 141 -64.35 -4.93 14.94
N ASN E 142 -64.91 -5.73 14.04
CA ASN E 142 -64.16 -6.27 12.92
C ASN E 142 -64.60 -5.63 11.60
N ASN E 143 -63.62 -5.33 10.75
CA ASN E 143 -63.84 -4.97 9.35
C ASN E 143 -64.72 -3.72 9.22
N PHE E 144 -64.14 -2.60 9.62
CA PHE E 144 -64.80 -1.30 9.50
C PHE E 144 -63.85 -0.31 8.83
N TYR E 145 -64.43 0.74 8.27
CA TYR E 145 -63.67 1.80 7.62
C TYR E 145 -64.47 3.08 7.68
N PRO E 146 -63.86 4.22 8.01
CA PRO E 146 -62.42 4.44 8.25
C PRO E 146 -62.01 4.01 9.66
N LYS E 147 -60.74 4.24 10.03
CA LYS E 147 -60.21 3.70 11.28
C LYS E 147 -60.81 4.40 12.50
N ASP E 148 -61.23 5.66 12.35
CA ASP E 148 -61.77 6.40 13.49
C ASP E 148 -63.04 5.73 13.99
N ILE E 149 -63.01 5.32 15.26
CA ILE E 149 -64.15 4.64 15.87
C ILE E 149 -64.05 4.85 17.37
N ASN E 150 -65.21 4.83 18.04
CA ASN E 150 -65.27 5.01 19.48
C ASN E 150 -66.16 3.92 20.08
N VAL E 151 -65.68 3.30 21.15
CA VAL E 151 -66.42 2.27 21.86
C VAL E 151 -66.43 2.63 23.33
N LYS E 152 -67.60 2.48 23.96
CA LYS E 152 -67.74 2.73 25.39
C LYS E 152 -68.43 1.53 26.03
N TRP E 153 -68.01 1.20 27.25
CA TRP E 153 -68.56 0.08 27.98
C TRP E 153 -69.59 0.57 28.99
N LYS E 154 -70.66 -0.20 29.14
CA LYS E 154 -71.71 0.11 30.11
C LYS E 154 -71.96 -1.11 30.98
N ILE E 155 -71.96 -0.91 32.29
CA ILE E 155 -72.22 -1.95 33.26
C ILE E 155 -73.52 -1.60 33.97
N ASP E 156 -74.56 -2.41 33.74
CA ASP E 156 -75.90 -2.16 34.29
C ASP E 156 -76.42 -0.79 33.87
N GLY E 157 -76.07 -0.37 32.65
CA GLY E 157 -76.52 0.89 32.11
C GLY E 157 -75.65 2.09 32.42
N SER E 158 -74.56 1.89 33.17
CA SER E 158 -73.68 2.99 33.57
C SER E 158 -72.36 2.87 32.83
N GLU E 159 -71.92 3.98 32.24
CA GLU E 159 -70.68 3.97 31.47
C GLU E 159 -69.48 3.71 32.38
N ARG E 160 -68.59 2.84 31.90
CA ARG E 160 -67.40 2.43 32.64
C ARG E 160 -66.16 3.05 32.00
N GLN E 161 -65.34 3.70 32.82
CA GLN E 161 -64.12 4.36 32.33
C GLN E 161 -62.90 3.46 32.48
N ASN E 162 -62.63 3.01 33.70
CA ASN E 162 -61.38 2.31 34.00
C ASN E 162 -61.48 0.83 33.65
N GLY E 163 -60.31 0.22 33.44
CA GLY E 163 -60.24 -1.20 33.21
C GLY E 163 -60.43 -1.64 31.77
N VAL E 164 -60.26 -0.73 30.82
CA VAL E 164 -60.49 -1.02 29.41
C VAL E 164 -59.16 -0.98 28.68
N LEU E 165 -58.89 -2.04 27.90
CA LEU E 165 -57.70 -2.11 27.06
C LEU E 165 -58.14 -2.31 25.62
N ASN E 166 -57.59 -1.51 24.72
CA ASN E 166 -57.96 -1.53 23.30
C ASN E 166 -56.76 -1.91 22.45
N SER E 167 -57.03 -2.58 21.34
CA SER E 167 -55.99 -3.01 20.42
C SER E 167 -56.50 -2.91 18.99
N TRP E 168 -55.72 -2.29 18.12
CA TRP E 168 -56.08 -2.08 16.72
C TRP E 168 -55.18 -2.89 15.81
N THR E 169 -55.75 -3.35 14.70
CA THR E 169 -54.96 -3.97 13.65
C THR E 169 -54.50 -2.92 12.64
N ASP E 170 -53.48 -3.26 11.88
CA ASP E 170 -53.12 -2.47 10.73
C ASP E 170 -54.21 -2.60 9.66
N GLN E 171 -54.16 -1.71 8.66
CA GLN E 171 -55.12 -1.79 7.58
C GLN E 171 -55.00 -3.14 6.87
N ASP E 172 -56.13 -3.82 6.73
CA ASP E 172 -56.13 -5.18 6.20
C ASP E 172 -55.57 -5.21 4.79
N SER E 173 -54.68 -6.15 4.54
CA SER E 173 -54.07 -6.28 3.21
C SER E 173 -55.00 -6.91 2.19
N LYS E 174 -56.17 -7.41 2.60
CA LYS E 174 -57.13 -8.01 1.70
C LYS E 174 -58.26 -7.05 1.34
N ASP E 175 -58.99 -6.56 2.35
CA ASP E 175 -60.15 -5.70 2.10
C ASP E 175 -59.96 -4.27 2.60
N SER E 176 -58.76 -3.91 3.05
CA SER E 176 -58.39 -2.54 3.40
C SER E 176 -59.20 -1.98 4.57
N THR E 177 -59.84 -2.84 5.35
CA THR E 177 -60.58 -2.39 6.51
C THR E 177 -59.69 -2.47 7.75
N TYR E 178 -60.23 -1.98 8.88
CA TYR E 178 -59.58 -2.08 10.16
C TYR E 178 -60.43 -2.93 11.10
N SER E 179 -59.77 -3.51 12.09
CA SER E 179 -60.46 -4.26 13.13
C SER E 179 -59.93 -3.82 14.50
N MET E 180 -60.66 -4.17 15.54
CA MET E 180 -60.33 -3.67 16.86
C MET E 180 -60.88 -4.62 17.91
N SER E 181 -60.14 -4.76 19.00
CA SER E 181 -60.54 -5.53 20.17
C SER E 181 -60.61 -4.61 21.38
N SER E 182 -61.69 -4.73 22.15
CA SER E 182 -61.88 -3.96 23.38
C SER E 182 -62.12 -4.93 24.52
N THR E 183 -61.28 -4.88 25.54
CA THR E 183 -61.32 -5.80 26.67
C THR E 183 -61.53 -5.02 27.95
N LEU E 184 -62.61 -5.33 28.66
CA LEU E 184 -62.88 -4.76 29.98
C LEU E 184 -62.56 -5.82 31.03
N THR E 185 -61.60 -5.51 31.91
CA THR E 185 -61.11 -6.46 32.90
C THR E 185 -61.58 -6.03 34.28
N LEU E 186 -62.31 -6.91 34.95
CA LEU E 186 -62.77 -6.72 36.32
C LEU E 186 -62.27 -7.88 37.17
N THR E 187 -62.45 -7.75 38.49
CA THR E 187 -62.25 -8.89 39.36
C THR E 187 -63.49 -9.78 39.33
N LYS E 188 -63.30 -11.04 39.75
CA LYS E 188 -64.41 -11.98 39.78
C LYS E 188 -65.54 -11.47 40.67
N ASP E 189 -65.20 -10.91 41.83
CA ASP E 189 -66.21 -10.34 42.71
C ASP E 189 -66.89 -9.14 42.07
N GLU E 190 -66.10 -8.25 41.46
CA GLU E 190 -66.68 -7.08 40.80
C GLU E 190 -67.58 -7.49 39.63
N TYR E 191 -67.18 -8.53 38.90
CA TYR E 191 -67.98 -8.98 37.76
C TYR E 191 -69.29 -9.61 38.22
N GLU E 192 -69.23 -10.41 39.27
CA GLU E 192 -70.44 -11.05 39.81
C GLU E 192 -71.36 -10.05 40.51
N ARG E 193 -70.89 -8.83 40.76
CA ARG E 193 -71.69 -7.84 41.46
C ARG E 193 -72.71 -7.17 40.54
N HIS E 194 -72.54 -7.28 39.23
CA HIS E 194 -73.45 -6.68 38.27
C HIS E 194 -73.98 -7.76 37.32
N ASN E 195 -74.94 -7.36 36.48
CA ASN E 195 -75.61 -8.30 35.59
C ASN E 195 -75.48 -7.92 34.13
N SER E 196 -75.92 -6.73 33.74
CA SER E 196 -75.90 -6.33 32.33
C SER E 196 -74.52 -5.78 31.96
N TYR E 197 -73.98 -6.28 30.86
CA TYR E 197 -72.69 -5.83 30.34
C TYR E 197 -72.87 -5.48 28.86
N THR E 198 -72.50 -4.25 28.51
CA THR E 198 -72.86 -3.69 27.21
C THR E 198 -71.62 -3.10 26.54
N CYS E 199 -71.48 -3.40 25.24
CA CYS E 199 -70.44 -2.83 24.40
C CYS E 199 -71.13 -2.13 23.24
N GLU E 200 -70.89 -0.83 23.08
CA GLU E 200 -71.52 -0.06 22.02
C GLU E 200 -70.48 0.78 21.29
N ALA E 201 -70.57 0.79 19.96
CA ALA E 201 -69.59 1.41 19.08
C ALA E 201 -70.20 2.59 18.35
N THR E 202 -69.46 3.68 18.28
CA THR E 202 -69.85 4.87 17.53
C THR E 202 -68.95 4.99 16.31
N HIS E 203 -69.56 5.07 15.12
CA HIS E 203 -68.82 5.11 13.88
C HIS E 203 -69.61 5.94 12.87
N LYS E 204 -68.89 6.60 11.96
CA LYS E 204 -69.53 7.46 10.99
C LYS E 204 -70.45 6.71 10.03
N THR E 205 -70.47 5.38 10.09
CA THR E 205 -71.38 4.59 9.27
C THR E 205 -72.82 4.67 9.74
N SER E 206 -73.07 5.25 10.92
CA SER E 206 -74.42 5.29 11.45
C SER E 206 -74.52 6.39 12.50
N THR E 207 -75.70 6.99 12.59
CA THR E 207 -75.96 7.94 13.68
C THR E 207 -76.22 7.22 14.99
N SER E 208 -76.96 6.12 14.94
CA SER E 208 -77.23 5.32 16.13
C SER E 208 -76.07 4.36 16.39
N PRO E 209 -75.51 4.33 17.60
CA PRO E 209 -74.42 3.40 17.89
C PRO E 209 -74.86 1.95 17.75
N ILE E 210 -73.91 1.09 17.40
CA ILE E 210 -74.13 -0.35 17.33
C ILE E 210 -73.92 -0.94 18.72
N VAL E 211 -74.96 -1.53 19.28
CA VAL E 211 -74.96 -1.98 20.68
C VAL E 211 -75.04 -3.49 20.71
N LYS E 212 -74.09 -4.11 21.43
CA LYS E 212 -74.13 -5.53 21.75
C LYS E 212 -74.03 -5.69 23.26
N SER E 213 -74.74 -6.67 23.80
CA SER E 213 -74.77 -6.84 25.25
C SER E 213 -75.14 -8.27 25.59
N PHE E 214 -74.92 -8.63 26.86
CA PHE E 214 -75.36 -9.90 27.40
C PHE E 214 -75.69 -9.69 28.87
N ASN E 215 -76.52 -10.57 29.41
CA ASN E 215 -76.89 -10.56 30.82
C ASN E 215 -76.33 -11.79 31.50
N ARG E 216 -75.73 -11.60 32.67
CA ARG E 216 -75.04 -12.70 33.34
C ARG E 216 -76.01 -13.77 33.81
N ASN E 217 -77.23 -13.39 34.21
CA ASN E 217 -78.18 -14.37 34.71
C ASN E 217 -78.95 -15.09 33.60
N GLU E 218 -78.91 -14.59 32.38
CA GLU E 218 -79.72 -15.13 31.29
C GLU E 218 -79.04 -16.31 30.62
N ILE F 3 16.85 18.27 21.27
CA ILE F 3 15.49 18.54 20.82
C ILE F 3 15.56 19.49 19.63
N PRO F 4 14.94 19.08 18.52
CA PRO F 4 14.85 19.99 17.36
C PRO F 4 14.00 21.20 17.68
N THR F 5 14.45 22.36 17.22
CA THR F 5 13.69 23.58 17.41
C THR F 5 12.78 23.82 16.21
N ASP F 6 11.88 24.81 16.35
CA ASP F 6 10.77 24.98 15.43
C ASP F 6 11.20 25.09 13.98
N GLN F 7 12.38 25.68 13.71
CA GLN F 7 12.83 25.80 12.33
C GLN F 7 13.32 24.49 11.77
N GLU F 8 13.91 23.63 12.60
CA GLU F 8 14.29 22.30 12.14
C GLU F 8 13.05 21.46 11.81
N ILE F 9 11.98 21.62 12.61
CA ILE F 9 10.70 21.00 12.25
C ILE F 9 10.17 21.60 10.96
N MET F 10 10.23 22.93 10.85
CA MET F 10 9.77 23.61 9.64
C MET F 10 10.57 23.17 8.42
N ASP F 11 11.90 23.09 8.57
CA ASP F 11 12.74 22.67 7.44
C ASP F 11 12.50 21.21 7.07
N ALA F 12 12.12 20.37 8.05
CA ALA F 12 11.95 18.95 7.80
C ALA F 12 10.77 18.65 6.89
N HIS F 13 9.78 19.54 6.84
CA HIS F 13 8.55 19.30 6.09
C HIS F 13 8.48 20.13 4.81
N LYS F 14 9.62 20.61 4.32
CA LYS F 14 9.62 21.47 3.15
C LYS F 14 9.44 20.72 1.83
N ILE F 15 9.69 19.41 1.82
CA ILE F 15 9.47 18.58 0.65
C ILE F 15 8.35 17.61 0.96
N TYR F 16 7.28 17.66 0.17
CA TYR F 16 6.13 16.81 0.42
C TYR F 16 5.48 16.40 -0.90
N PHE F 17 4.83 15.24 -0.88
CA PHE F 17 4.15 14.70 -2.05
C PHE F 17 2.73 14.28 -1.66
N ALA F 18 1.80 14.47 -2.57
CA ALA F 18 0.39 14.14 -2.34
C ALA F 18 0.07 12.78 -2.96
N ASP F 19 -0.60 11.93 -2.18
CA ASP F 19 -1.02 10.60 -2.62
C ASP F 19 -2.38 10.76 -3.29
N LEU F 20 -2.42 10.64 -4.61
CA LEU F 20 -3.61 10.95 -5.40
C LEU F 20 -4.07 9.75 -6.21
N ASN F 21 -5.40 9.67 -6.38
CA ASN F 21 -6.02 8.79 -7.36
C ASN F 21 -6.73 9.67 -8.38
N PHE F 22 -6.42 9.47 -9.66
CA PHE F 22 -6.86 10.37 -10.72
C PHE F 22 -7.52 9.59 -11.83
N ASN F 23 -8.73 10.03 -12.22
CA ASN F 23 -9.45 9.44 -13.34
C ASN F 23 -9.26 10.33 -14.56
N PRO F 24 -8.48 9.91 -15.55
CA PRO F 24 -8.26 10.77 -16.72
C PRO F 24 -9.52 11.02 -17.54
N SER F 25 -10.48 10.08 -17.53
CA SER F 25 -11.66 10.23 -18.37
C SER F 25 -12.60 11.30 -17.83
N THR F 26 -12.63 11.50 -16.51
CA THR F 26 -13.50 12.49 -15.89
C THR F 26 -12.75 13.65 -15.24
N GLY F 27 -11.47 13.46 -14.91
CA GLY F 27 -10.72 14.46 -14.18
C GLY F 27 -10.85 14.40 -12.68
N ASN F 28 -11.61 13.43 -12.16
CA ASN F 28 -11.81 13.32 -10.71
C ASN F 28 -10.49 13.00 -10.02
N THR F 29 -10.22 13.71 -8.93
CA THR F 29 -9.00 13.54 -8.16
C THR F 29 -9.33 13.46 -6.68
N TYR F 30 -8.68 12.52 -5.99
CA TYR F 30 -8.86 12.34 -4.55
C TYR F 30 -7.50 12.33 -3.87
N ILE F 31 -7.40 13.00 -2.72
CA ILE F 31 -6.19 12.98 -1.92
C ILE F 31 -6.34 11.90 -0.86
N ASN F 32 -5.49 10.87 -0.92
CA ASN F 32 -5.48 9.86 0.12
C ASN F 32 -4.62 10.28 1.30
N GLY F 33 -3.48 10.89 1.02
CA GLY F 33 -2.59 11.29 2.10
C GLY F 33 -1.50 12.22 1.63
N MET F 34 -0.47 12.35 2.45
CA MET F 34 0.64 13.25 2.18
C MET F 34 1.92 12.63 2.71
N TYR F 35 2.92 12.48 1.84
CA TYR F 35 4.24 12.04 2.25
C TYR F 35 5.10 13.24 2.60
N PHE F 36 6.04 13.03 3.53
CA PHE F 36 7.09 14.00 3.82
C PHE F 36 8.43 13.35 3.49
N ALA F 37 9.18 13.98 2.61
CA ALA F 37 10.36 13.34 2.03
C ALA F 37 11.46 13.16 3.08
N PRO F 38 12.09 12.00 3.14
CA PRO F 38 13.25 11.82 4.03
C PRO F 38 14.51 12.34 3.36
N THR F 39 15.26 13.17 4.06
CA THR F 39 16.49 13.76 3.57
C THR F 39 17.64 13.39 4.50
N GLN F 40 18.85 13.80 4.12
CA GLN F 40 20.03 13.56 4.93
C GLN F 40 20.05 14.39 6.21
N THR F 41 19.12 15.33 6.37
CA THR F 41 19.14 16.26 7.48
C THR F 41 17.95 16.13 8.42
N ASN F 42 16.79 15.69 7.93
CA ASN F 42 15.53 15.83 8.65
C ASN F 42 15.10 14.56 9.37
N LYS F 43 16.01 13.61 9.59
CA LYS F 43 15.65 12.38 10.28
C LYS F 43 15.12 12.67 11.68
N GLU F 44 16.01 13.06 12.59
CA GLU F 44 15.62 13.30 13.98
C GLU F 44 14.50 14.32 14.10
N ALA F 45 14.32 15.20 13.11
CA ALA F 45 13.25 16.18 13.17
C ALA F 45 11.90 15.55 12.85
N LEU F 46 11.87 14.59 11.93
CA LEU F 46 10.61 13.94 11.58
C LEU F 46 10.18 12.93 12.64
N ASP F 47 11.12 12.17 13.19
CA ASP F 47 10.80 11.23 14.26
C ASP F 47 10.28 11.95 15.50
N TYR F 48 10.78 13.16 15.76
CA TYR F 48 10.35 13.94 16.91
C TYR F 48 8.86 14.28 16.86
N ILE F 49 8.28 14.32 15.67
CA ILE F 49 6.86 14.62 15.49
C ILE F 49 6.10 13.32 15.40
N GLN F 50 5.02 13.20 16.19
CA GLN F 50 4.21 12.01 16.23
C GLN F 50 2.77 12.22 15.80
N LYS F 51 2.27 13.46 15.80
CA LYS F 51 0.89 13.76 15.47
C LYS F 51 0.85 14.86 14.42
N TYR F 52 -0.29 14.94 13.73
CA TYR F 52 -0.54 15.99 12.75
C TYR F 52 -2.00 16.41 12.81
N ARG F 53 -2.23 17.71 12.85
CA ARG F 53 -3.58 18.27 12.78
C ARG F 53 -3.77 18.86 11.39
N VAL F 54 -4.91 18.56 10.77
CA VAL F 54 -5.19 18.93 9.39
C VAL F 54 -6.47 19.74 9.34
N GLU F 55 -6.42 20.88 8.65
CA GLU F 55 -7.62 21.60 8.26
C GLU F 55 -7.75 21.49 6.74
N ALA F 56 -8.83 20.86 6.28
CA ALA F 56 -9.08 20.68 4.87
C ALA F 56 -10.40 21.33 4.49
N THR F 57 -10.61 21.47 3.20
CA THR F 57 -11.86 21.97 2.65
C THR F 57 -12.66 20.82 2.08
N LEU F 58 -13.84 20.59 2.63
CA LEU F 58 -14.69 19.50 2.17
C LEU F 58 -15.62 19.99 1.07
N GLN F 59 -16.12 19.04 0.27
CA GLN F 59 -16.86 19.39 -0.94
C GLN F 59 -18.09 20.25 -0.64
N TYR F 60 -18.72 20.04 0.51
CA TYR F 60 -19.93 20.76 0.86
C TYR F 60 -19.84 21.55 2.16
N SER F 61 -19.10 21.06 3.15
CA SER F 61 -18.99 21.78 4.42
C SER F 61 -17.93 22.86 4.40
N GLY F 62 -17.03 22.85 3.42
CA GLY F 62 -16.03 23.88 3.30
C GLY F 62 -14.80 23.62 4.15
N PHE F 63 -14.07 24.70 4.42
CA PHE F 63 -12.85 24.62 5.20
C PHE F 63 -13.17 24.28 6.65
N LYS F 64 -12.70 23.11 7.10
CA LYS F 64 -13.05 22.62 8.43
C LYS F 64 -11.86 21.86 9.02
N ASP F 65 -11.72 21.96 10.34
CA ASP F 65 -10.73 21.16 11.06
C ASP F 65 -11.20 19.72 11.10
N ILE F 66 -10.41 18.82 10.50
CA ILE F 66 -10.80 17.42 10.35
C ILE F 66 -10.11 16.51 11.35
N GLY F 67 -9.44 17.06 12.35
CA GLY F 67 -8.98 16.29 13.49
C GLY F 67 -7.46 16.26 13.59
N THR F 68 -7.00 15.67 14.70
CA THR F 68 -5.59 15.47 14.99
C THR F 68 -5.35 13.98 15.12
N LYS F 69 -4.44 13.44 14.30
CA LYS F 69 -4.19 12.01 14.25
C LYS F 69 -2.70 11.72 14.32
N ASP F 70 -2.37 10.53 14.81
CA ASP F 70 -0.99 10.07 14.81
C ASP F 70 -0.50 9.87 13.37
N LYS F 71 0.78 10.10 13.16
CA LYS F 71 1.36 9.89 11.84
C LYS F 71 1.42 8.40 11.52
N GLU F 72 1.50 8.10 10.23
CA GLU F 72 1.81 6.76 9.76
C GLU F 72 3.22 6.75 9.18
N MET F 73 3.86 5.58 9.26
CA MET F 73 5.21 5.39 8.73
C MET F 73 5.08 4.48 7.50
N ARG F 74 5.16 5.08 6.32
CA ARG F 74 5.03 4.37 5.06
C ARG F 74 6.28 4.54 4.23
N ASN F 75 6.54 3.54 3.38
CA ASN F 75 7.62 3.65 2.42
C ASN F 75 7.39 4.85 1.51
N TYR F 76 8.39 5.72 1.43
CA TYR F 76 8.25 6.99 0.72
C TYR F 76 7.80 6.78 -0.71
N LEU F 77 6.68 7.41 -1.08
CA LEU F 77 6.09 7.33 -2.41
C LEU F 77 5.67 5.91 -2.79
N GLY F 78 5.47 5.04 -1.80
CA GLY F 78 5.11 3.67 -2.09
C GLY F 78 6.20 2.84 -2.70
N ASP F 79 7.46 3.28 -2.58
CA ASP F 79 8.59 2.55 -3.12
C ASP F 79 9.10 1.58 -2.06
N PRO F 80 9.00 0.26 -2.26
CA PRO F 80 9.49 -0.67 -1.24
C PRO F 80 10.96 -0.53 -0.92
N ASN F 81 11.76 0.00 -1.84
CA ASN F 81 13.18 0.19 -1.59
C ASN F 81 13.46 1.47 -0.81
N GLN F 82 12.52 2.41 -0.80
CA GLN F 82 12.63 3.66 -0.06
C GLN F 82 12.26 3.43 1.40
N PRO F 83 12.90 4.15 2.33
CA PRO F 83 12.64 3.91 3.75
C PRO F 83 11.31 4.49 4.21
N LYS F 84 10.90 4.04 5.38
CA LYS F 84 9.66 4.52 5.98
C LYS F 84 9.82 5.99 6.38
N THR F 85 8.82 6.80 6.04
CA THR F 85 8.84 8.22 6.35
C THR F 85 7.48 8.64 6.87
N ASN F 86 7.41 9.89 7.34
CA ASN F 86 6.17 10.40 7.90
C ASN F 86 5.11 10.52 6.83
N TYR F 87 3.91 10.01 7.13
CA TYR F 87 2.79 10.00 6.18
C TYR F 87 1.53 10.40 6.91
N VAL F 88 0.79 11.36 6.35
CA VAL F 88 -0.46 11.85 6.92
C VAL F 88 -1.59 11.19 6.13
N ASN F 89 -2.22 10.18 6.72
CA ASN F 89 -3.29 9.43 6.06
C ASN F 89 -4.61 10.15 6.30
N LEU F 90 -5.14 10.79 5.25
CA LEU F 90 -6.37 11.56 5.39
C LEU F 90 -7.60 10.68 5.57
N ARG F 91 -7.51 9.39 5.23
CA ARG F 91 -8.66 8.50 5.42
C ARG F 91 -8.96 8.26 6.90
N SER F 92 -8.01 8.54 7.78
CA SER F 92 -8.20 8.34 9.21
C SER F 92 -8.71 9.60 9.91
N TYR F 93 -8.88 10.70 9.19
CA TYR F 93 -9.44 11.92 9.77
C TYR F 93 -10.94 11.99 9.52
N PHE F 94 -11.62 12.82 10.30
CA PHE F 94 -13.07 12.93 10.21
C PHE F 94 -13.43 13.81 9.01
N THR F 95 -14.00 13.18 7.98
CA THR F 95 -14.46 13.89 6.80
C THR F 95 -15.97 13.95 6.68
N GLY F 96 -16.70 13.26 7.55
CA GLY F 96 -18.15 13.21 7.43
C GLY F 96 -18.64 12.47 6.20
N GLY F 97 -17.78 11.73 5.53
CA GLY F 97 -18.11 11.10 4.28
C GLY F 97 -18.00 12.00 3.07
N GLU F 98 -17.60 13.25 3.24
CA GLU F 98 -17.46 14.20 2.15
C GLU F 98 -16.08 14.06 1.51
N ASN F 99 -16.01 14.43 0.24
CA ASN F 99 -14.75 14.38 -0.50
C ASN F 99 -13.90 15.61 -0.16
N ILE F 100 -12.61 15.37 0.07
CA ILE F 100 -11.66 16.46 0.26
C ILE F 100 -11.35 17.09 -1.09
N MET F 101 -11.54 18.40 -1.20
CA MET F 101 -11.25 19.10 -2.45
C MET F 101 -9.75 19.15 -2.68
N THR F 102 -9.31 18.54 -3.78
CA THR F 102 -7.88 18.30 -3.98
C THR F 102 -7.10 19.60 -4.09
N TYR F 103 -7.58 20.54 -4.91
CA TYR F 103 -6.80 21.72 -5.28
C TYR F 103 -7.24 22.98 -4.54
N LYS F 104 -7.84 22.83 -3.37
CA LYS F 104 -8.30 23.98 -2.60
C LYS F 104 -7.54 24.07 -1.27
N LYS F 105 -8.05 24.89 -0.37
CA LYS F 105 -7.29 25.33 0.80
C LYS F 105 -7.05 24.16 1.76
N LEU F 106 -5.78 23.91 2.07
CA LEU F 106 -5.39 22.84 2.99
C LEU F 106 -4.25 23.31 3.87
N ARG F 107 -4.29 22.91 5.14
CA ARG F 107 -3.22 23.21 6.09
C ARG F 107 -2.98 22.01 6.99
N ILE F 108 -1.70 21.71 7.21
CA ILE F 108 -1.28 20.62 8.08
C ILE F 108 -0.37 21.20 9.15
N TYR F 109 -0.76 21.05 10.41
CA TYR F 109 0.02 21.51 11.55
C TYR F 109 0.66 20.29 12.22
N ALA F 110 1.95 20.40 12.51
CA ALA F 110 2.70 19.32 13.15
C ALA F 110 2.66 19.49 14.66
N ILE F 111 2.32 18.42 15.37
CA ILE F 111 2.17 18.45 16.82
C ILE F 111 3.38 17.80 17.45
N THR F 112 4.01 18.50 18.38
CA THR F 112 5.12 17.95 19.14
C THR F 112 4.62 17.29 20.42
N PRO F 113 5.40 16.39 21.01
CA PRO F 113 5.07 15.93 22.37
C PRO F 113 5.00 17.05 23.39
N ASP F 114 5.55 18.23 23.10
CA ASP F 114 5.38 19.40 23.94
C ASP F 114 4.03 20.08 23.77
N ASP F 115 3.18 19.56 22.87
CA ASP F 115 1.82 20.00 22.61
C ASP F 115 1.72 21.37 21.96
N ARG F 116 2.83 22.05 21.68
CA ARG F 116 2.77 23.21 20.80
C ARG F 116 2.66 22.73 19.35
N GLU F 117 2.33 23.65 18.45
CA GLU F 117 2.07 23.25 17.07
C GLU F 117 2.79 24.19 16.11
N LEU F 118 3.16 23.63 14.96
CA LEU F 118 3.84 24.35 13.89
C LEU F 118 3.11 24.09 12.58
N LEU F 119 2.82 25.15 11.84
CA LEU F 119 2.21 25.04 10.53
C LEU F 119 3.28 24.60 9.54
N VAL F 120 3.26 23.35 9.12
CA VAL F 120 4.32 22.76 8.31
C VAL F 120 3.93 22.57 6.85
N LEU F 121 2.66 22.76 6.49
CA LEU F 121 2.23 22.57 5.12
C LEU F 121 1.01 23.43 4.86
N SER F 122 1.00 24.12 3.72
CA SER F 122 -0.10 25.00 3.36
C SER F 122 -0.24 25.04 1.85
N VAL F 123 -1.48 25.01 1.37
CA VAL F 123 -1.75 25.02 -0.06
C VAL F 123 -2.67 26.20 -0.40
#